data_5A6K
#
_entry.id   5A6K
#
_cell.length_a   95.690
_cell.length_b   99.420
_cell.length_c   133.170
_cell.angle_alpha   90.00
_cell.angle_beta   90.00
_cell.angle_gamma   90.00
#
_symmetry.space_group_name_H-M   'P 21 21 21'
#
loop_
_entity.id
_entity.type
_entity.pdbx_description
1 polymer GH20C
2 non-polymer (2S,3aR,5R,6R,7R,7aR)-5-(hydroxymethyl)-2-methyl-2,3a,5,6,7,7a-hexahydro-1H-pyrano[3,2-d][1,3]thiazole-6,7-diol
3 water water
#
_entity_poly.entity_id   1
_entity_poly.type   'polypeptide(L)'
_entity_poly.pdbx_seq_one_letter_code
;MGSSHHHHHHSSGLVPRGSHMASMVRFTGLSLKQTQAIEVLKGHISLPDVEVAVTQSDQASISIEGEEGHYQLTYRKPHQ
LYRALSLLVTVLAEADKVEIEEQAAYEDLAYMVDCSRNAVLNVASAKQMIEILALMGYSTFELYMEDTYQIEGQPYFGYF
RGAYSAEELQEIEAYAQQFDVTFVPCIQTLAHLSAFVKWGVKEVQELRDVEDILLIGEEKVYDLIDGMFATLSKLKTRKV
NIGMDEAHLVGLGRYLILNGVVDRSLLMCQHLERVLDIADKYGFHCQMWSDMFFKLMSADGQYDRDVEIPEETRVYLDRL
KDRVTLVYWDYYQDSEEKYNRNFRNHHKISHDLAFAGGAWKWIGFTPHNHFSRLVAIEANKACRANQIKEVIVTGWGDNG
GETAQFSILPSLQIWAELSYRNDLDGLSAHFKTNTGLTVEDFMQIDLANLLPDLPGNLSGINPNRYVFYQDILCPILDQH
MTPEQDKPHFAQAAETLANIKEKAGNYAYLFETQAQLNAILSSKVDVGRRIRQAYQADDKESLQQIARQELPELRSQIED
FHALFSHQWLKENKVFGLDTVDIRMGGLLQRIKRAESRIEVYLAGQLDRIDELEVEILPFTDFYADKDFAATTANQWHTI
ATASTIYTT
;
_entity_poly.pdbx_strand_id   A,B
#
# COMPACT_ATOMS: atom_id res chain seq x y z
N MET A 24 -45.82 -31.21 9.44
CA MET A 24 -46.49 -32.30 10.25
C MET A 24 -46.01 -32.43 11.70
N VAL A 25 -44.79 -31.97 12.00
CA VAL A 25 -44.30 -32.01 13.40
C VAL A 25 -45.26 -31.29 14.36
N ARG A 26 -45.52 -31.92 15.51
CA ARG A 26 -46.36 -31.30 16.57
C ARG A 26 -45.53 -31.06 17.83
N PHE A 27 -45.52 -29.84 18.34
CA PHE A 27 -44.77 -29.51 19.54
C PHE A 27 -45.69 -29.14 20.67
N THR A 28 -45.45 -29.66 21.87
CA THR A 28 -46.09 -29.14 23.07
C THR A 28 -45.05 -28.43 23.96
N GLY A 29 -45.49 -27.37 24.62
CA GLY A 29 -44.70 -26.66 25.64
C GLY A 29 -43.91 -25.44 25.17
N LEU A 30 -44.03 -25.08 23.90
CA LEU A 30 -43.31 -23.93 23.36
C LEU A 30 -44.03 -22.62 23.63
N SER A 31 -43.26 -21.54 23.75
CA SER A 31 -43.79 -20.20 23.72
C SER A 31 -44.03 -19.80 22.28
N LEU A 32 -44.76 -18.72 22.07
CA LEU A 32 -44.94 -18.14 20.73
C LEU A 32 -43.61 -17.75 20.10
N LYS A 33 -42.75 -17.11 20.86
CA LYS A 33 -41.37 -16.82 20.41
C LYS A 33 -40.68 -18.07 19.86
N GLN A 34 -40.75 -19.18 20.59
CA GLN A 34 -40.07 -20.40 20.13
C GLN A 34 -40.76 -21.02 18.90
N THR A 35 -42.08 -20.94 18.80
CA THR A 35 -42.75 -21.46 17.61
C THR A 35 -42.40 -20.59 16.39
N GLN A 36 -42.33 -19.28 16.53
CA GLN A 36 -41.91 -18.45 15.39
C GLN A 36 -40.45 -18.73 14.95
N ALA A 37 -39.57 -18.94 15.91
CA ALA A 37 -38.17 -19.22 15.61
C ALA A 37 -38.05 -20.48 14.79
N ILE A 38 -38.82 -21.48 15.18
CA ILE A 38 -38.85 -22.77 14.50
C ILE A 38 -39.35 -22.65 13.05
N GLU A 39 -40.35 -21.79 12.82
CA GLU A 39 -40.82 -21.56 11.46
C GLU A 39 -39.70 -21.06 10.60
N VAL A 40 -38.94 -20.09 11.11
CA VAL A 40 -37.77 -19.63 10.37
C VAL A 40 -36.85 -20.78 10.10
N LEU A 41 -36.58 -21.59 11.11
CA LEU A 41 -35.59 -22.65 10.94
C LEU A 41 -36.03 -23.75 9.99
N LYS A 42 -37.34 -23.89 9.74
CA LYS A 42 -37.86 -24.81 8.72
C LYS A 42 -37.33 -24.48 7.34
N GLY A 43 -36.82 -23.27 7.14
CA GLY A 43 -36.13 -22.94 5.90
C GLY A 43 -34.77 -23.61 5.70
N HIS A 44 -34.22 -24.20 6.75
CA HIS A 44 -32.94 -24.89 6.71
C HIS A 44 -33.09 -26.37 6.91
N ILE A 45 -33.87 -26.74 7.92
CA ILE A 45 -34.03 -28.15 8.27
C ILE A 45 -35.45 -28.64 7.98
N SER A 46 -35.55 -29.96 7.81
CA SER A 46 -36.79 -30.63 7.52
C SER A 46 -37.27 -31.40 8.77
N LEU A 47 -38.26 -30.85 9.48
CA LEU A 47 -38.80 -31.50 10.69
C LEU A 47 -39.71 -32.68 10.28
N PRO A 48 -39.51 -33.88 10.84
CA PRO A 48 -40.43 -34.97 10.44
C PRO A 48 -41.77 -34.98 11.21
N ASP A 49 -42.66 -35.89 10.82
CA ASP A 49 -43.99 -35.98 11.38
C ASP A 49 -43.94 -36.79 12.67
N VAL A 50 -43.61 -36.09 13.76
CA VAL A 50 -43.52 -36.69 15.10
C VAL A 50 -44.04 -35.71 16.14
N GLU A 51 -44.24 -36.22 17.35
CA GLU A 51 -44.68 -35.41 18.49
C GLU A 51 -43.53 -35.20 19.46
N VAL A 52 -43.29 -33.94 19.81
CA VAL A 52 -42.19 -33.57 20.71
C VAL A 52 -42.64 -32.64 21.84
N ALA A 53 -42.51 -33.13 23.07
CA ALA A 53 -42.76 -32.31 24.26
C ALA A 53 -41.46 -31.57 24.63
N VAL A 54 -41.55 -30.27 24.76
CA VAL A 54 -40.38 -29.45 25.06
C VAL A 54 -40.50 -28.84 26.44
N THR A 55 -39.41 -28.90 27.22
CA THR A 55 -39.26 -28.12 28.46
C THR A 55 -37.81 -27.71 28.72
N GLN A 56 -37.65 -26.62 29.48
CA GLN A 56 -36.36 -26.25 30.04
C GLN A 56 -36.05 -27.22 31.17
N SER A 57 -34.79 -27.59 31.32
CA SER A 57 -34.32 -28.38 32.44
C SER A 57 -32.82 -28.17 32.60
N ASP A 58 -32.38 -28.08 33.85
CA ASP A 58 -30.96 -27.90 34.18
C ASP A 58 -30.19 -29.19 34.08
N GLN A 59 -30.89 -30.28 33.80
CA GLN A 59 -30.31 -31.61 33.80
C GLN A 59 -29.21 -31.76 32.74
N ALA A 60 -29.38 -31.11 31.61
CA ALA A 60 -28.39 -31.21 30.55
C ALA A 60 -28.49 -30.01 29.60
N SER A 61 -27.46 -29.83 28.79
CA SER A 61 -27.53 -28.77 27.77
C SER A 61 -28.68 -29.15 26.84
N ILE A 62 -28.61 -30.38 26.36
CA ILE A 62 -29.64 -30.91 25.53
C ILE A 62 -29.90 -32.35 25.96
N SER A 63 -31.18 -32.69 26.14
CA SER A 63 -31.61 -34.08 26.26
C SER A 63 -32.79 -34.35 25.34
N ILE A 64 -32.72 -35.48 24.64
CA ILE A 64 -33.83 -35.96 23.82
C ILE A 64 -34.00 -37.45 24.06
N GLU A 65 -35.23 -37.83 24.40
CA GLU A 65 -35.60 -39.23 24.61
C GLU A 65 -36.93 -39.54 23.93
N GLY A 66 -37.18 -40.84 23.74
CA GLY A 66 -38.45 -41.34 23.25
C GLY A 66 -38.30 -42.28 22.07
N GLU A 67 -39.45 -42.69 21.54
CA GLU A 67 -39.51 -43.64 20.45
C GLU A 67 -40.92 -43.65 19.85
N GLU A 68 -41.05 -44.38 18.74
CA GLU A 68 -42.31 -44.58 18.06
C GLU A 68 -43.08 -43.28 17.84
N GLY A 69 -42.35 -42.23 17.49
CA GLY A 69 -42.95 -40.94 17.14
C GLY A 69 -43.26 -39.96 18.25
N HIS A 70 -42.98 -40.32 19.51
CA HIS A 70 -43.26 -39.44 20.68
C HIS A 70 -42.00 -39.20 21.50
N TYR A 71 -41.53 -37.97 21.51
CA TYR A 71 -40.22 -37.66 22.09
C TYR A 71 -40.33 -36.58 23.16
N GLN A 72 -39.35 -36.58 24.06
CA GLN A 72 -39.26 -35.61 25.15
C GLN A 72 -37.95 -34.86 24.94
N LEU A 73 -38.03 -33.55 24.80
CA LEU A 73 -36.87 -32.71 24.50
C LEU A 73 -36.73 -31.68 25.61
N THR A 74 -35.53 -31.64 26.23
CA THR A 74 -35.22 -30.60 27.20
C THR A 74 -33.95 -29.85 26.80
N TYR A 75 -33.90 -28.58 27.19
CA TYR A 75 -32.74 -27.73 26.99
C TYR A 75 -32.43 -27.01 28.30
N ARG A 76 -31.16 -26.76 28.59
CA ARG A 76 -30.79 -25.95 29.75
C ARG A 76 -31.02 -24.46 29.48
N LYS A 77 -30.47 -23.98 28.37
CA LYS A 77 -30.58 -22.57 27.96
C LYS A 77 -31.40 -22.45 26.68
N PRO A 78 -32.31 -21.46 26.62
CA PRO A 78 -33.23 -21.26 25.51
C PRO A 78 -32.68 -21.48 24.11
N HIS A 79 -31.52 -20.89 23.79
CA HIS A 79 -31.00 -20.99 22.43
C HIS A 79 -30.67 -22.43 22.08
N GLN A 80 -30.44 -23.26 23.09
CA GLN A 80 -30.11 -24.67 22.86
C GLN A 80 -31.24 -25.54 22.29
N LEU A 81 -32.49 -25.05 22.36
CA LEU A 81 -33.60 -25.69 21.63
C LEU A 81 -33.26 -25.90 20.15
N TYR A 82 -32.59 -24.94 19.53
CA TYR A 82 -32.42 -24.96 18.09
C TYR A 82 -31.38 -25.98 17.64
N ARG A 83 -30.31 -26.16 18.42
CA ARG A 83 -29.40 -27.29 18.15
C ARG A 83 -30.11 -28.61 18.45
N ALA A 84 -30.93 -28.62 19.50
CA ALA A 84 -31.65 -29.85 19.86
C ALA A 84 -32.48 -30.34 18.67
N LEU A 85 -33.17 -29.41 18.01
CA LEU A 85 -33.99 -29.74 16.83
C LEU A 85 -33.14 -30.29 15.67
N SER A 86 -31.98 -29.69 15.41
CA SER A 86 -31.03 -30.25 14.46
C SER A 86 -30.63 -31.69 14.79
N LEU A 87 -30.40 -31.97 16.06
CA LEU A 87 -30.02 -33.31 16.50
C LEU A 87 -31.19 -34.27 16.32
N LEU A 88 -32.38 -33.82 16.67
CA LEU A 88 -33.59 -34.62 16.51
C LEU A 88 -33.80 -35.04 15.05
N VAL A 89 -33.76 -34.07 14.15
CA VAL A 89 -33.94 -34.33 12.72
C VAL A 89 -32.94 -35.37 12.21
N THR A 90 -31.68 -35.19 12.62
CA THR A 90 -30.60 -36.08 12.22
C THR A 90 -30.80 -37.51 12.68
N VAL A 91 -31.01 -37.67 13.97
CA VAL A 91 -31.07 -39.00 14.58
C VAL A 91 -32.30 -39.82 14.12
N LEU A 92 -33.38 -39.11 13.82
CA LEU A 92 -34.63 -39.72 13.36
C LEU A 92 -34.57 -40.30 11.95
N ALA A 93 -33.60 -39.88 11.13
CA ALA A 93 -33.41 -40.47 9.81
C ALA A 93 -32.87 -41.91 9.84
N GLU A 94 -32.09 -42.28 10.87
CA GLU A 94 -31.49 -43.62 10.93
C GLU A 94 -32.02 -44.48 12.08
N ALA A 95 -32.91 -43.96 12.91
CA ALA A 95 -33.44 -44.73 14.05
C ALA A 95 -34.67 -44.11 14.67
N ASP A 96 -35.52 -44.97 15.22
CA ASP A 96 -36.80 -44.57 15.79
C ASP A 96 -36.65 -44.18 17.28
N LYS A 97 -35.77 -44.92 17.98
CA LYS A 97 -35.45 -44.66 19.38
C LYS A 97 -34.31 -43.63 19.51
N VAL A 98 -34.46 -42.72 20.46
CA VAL A 98 -33.53 -41.58 20.64
C VAL A 98 -33.07 -41.45 22.11
N GLU A 99 -31.75 -41.47 22.30
CA GLU A 99 -31.15 -41.25 23.62
C GLU A 99 -30.00 -40.28 23.44
N ILE A 100 -30.33 -38.99 23.47
CA ILE A 100 -29.33 -37.96 23.36
C ILE A 100 -29.21 -37.25 24.70
N GLU A 101 -27.97 -37.03 25.11
CA GLU A 101 -27.67 -36.15 26.21
C GLU A 101 -26.34 -35.44 25.99
N GLU A 102 -26.39 -34.11 25.92
CA GLU A 102 -25.19 -33.30 25.66
C GLU A 102 -24.92 -32.39 26.84
N GLN A 103 -23.64 -32.30 27.19
CA GLN A 103 -23.19 -31.38 28.25
C GLN A 103 -22.12 -30.48 27.68
N ALA A 104 -22.50 -29.25 27.31
CA ALA A 104 -21.59 -28.34 26.65
C ALA A 104 -20.48 -27.91 27.56
N ALA A 105 -19.27 -27.93 27.05
CA ALA A 105 -18.11 -27.60 27.86
C ALA A 105 -18.02 -26.12 28.16
N TYR A 106 -18.56 -25.28 27.27
CA TYR A 106 -18.34 -23.82 27.37
C TYR A 106 -19.62 -23.05 27.66
N GLU A 107 -19.51 -22.10 28.58
CA GLU A 107 -20.65 -21.31 28.98
C GLU A 107 -21.16 -20.51 27.78
N ASP A 108 -20.25 -20.07 26.93
CA ASP A 108 -20.61 -19.34 25.71
C ASP A 108 -19.70 -19.77 24.56
N LEU A 109 -20.29 -20.00 23.41
CA LEU A 109 -19.54 -20.28 22.18
C LEU A 109 -19.97 -19.21 21.18
N ALA A 110 -19.02 -18.44 20.66
CA ALA A 110 -19.37 -17.31 19.79
C ALA A 110 -18.71 -17.39 18.43
N TYR A 111 -19.34 -16.75 17.44
CA TYR A 111 -18.70 -16.60 16.15
C TYR A 111 -18.56 -15.12 15.83
N MET A 112 -17.33 -14.72 15.54
CA MET A 112 -17.01 -13.33 15.25
C MET A 112 -16.65 -13.17 13.77
N VAL A 113 -17.44 -12.37 13.05
CA VAL A 113 -17.19 -12.12 11.63
C VAL A 113 -16.35 -10.87 11.44
N ASP A 114 -15.35 -10.93 10.58
CA ASP A 114 -14.60 -9.71 10.22
C ASP A 114 -15.46 -8.78 9.33
N CYS A 115 -15.77 -7.58 9.80
CA CYS A 115 -16.43 -6.56 8.95
C CYS A 115 -15.55 -5.30 8.78
N SER A 116 -14.23 -5.48 8.86
CA SER A 116 -13.30 -4.36 8.80
C SER A 116 -12.25 -4.47 7.69
N ARG A 117 -12.24 -5.59 6.99
CA ARG A 117 -11.19 -5.90 5.99
C ARG A 117 -11.67 -5.65 4.54
N ASN A 118 -12.80 -4.97 4.44
CA ASN A 118 -13.46 -4.48 3.21
C ASN A 118 -14.82 -5.12 3.00
N ALA A 119 -14.98 -6.31 3.55
CA ALA A 119 -16.21 -7.09 3.48
C ALA A 119 -17.04 -6.83 4.72
N VAL A 120 -18.11 -6.06 4.56
CA VAL A 120 -19.09 -5.80 5.63
C VAL A 120 -20.28 -6.73 5.36
N LEU A 121 -20.43 -7.76 6.19
CA LEU A 121 -21.58 -8.69 6.09
C LEU A 121 -22.89 -7.92 5.94
N ASN A 122 -23.69 -8.19 4.91
CA ASN A 122 -24.95 -7.43 4.76
C ASN A 122 -25.99 -7.94 5.73
N VAL A 123 -27.03 -7.17 5.97
CA VAL A 123 -28.00 -7.52 7.00
C VAL A 123 -28.68 -8.84 6.71
N ALA A 124 -28.99 -9.09 5.45
CA ALA A 124 -29.67 -10.33 5.06
C ALA A 124 -28.77 -11.53 5.35
N SER A 125 -27.48 -11.39 5.08
CA SER A 125 -26.51 -12.47 5.28
C SER A 125 -26.24 -12.66 6.76
N ALA A 126 -26.28 -11.55 7.51
CA ALA A 126 -26.18 -11.62 8.97
C ALA A 126 -27.31 -12.47 9.57
N LYS A 127 -28.51 -12.34 9.03
CA LYS A 127 -29.66 -13.10 9.49
C LYS A 127 -29.55 -14.58 9.17
N GLN A 128 -29.09 -14.89 7.95
CA GLN A 128 -28.83 -16.29 7.60
C GLN A 128 -27.79 -16.89 8.50
N MET A 129 -26.71 -16.16 8.74
CA MET A 129 -25.63 -16.63 9.61
C MET A 129 -26.16 -16.90 11.02
N ILE A 130 -26.92 -15.97 11.56
CA ILE A 130 -27.57 -16.14 12.87
C ILE A 130 -28.39 -17.42 12.93
N GLU A 131 -29.24 -17.65 11.92
CA GLU A 131 -30.05 -18.89 11.87
C GLU A 131 -29.16 -20.14 11.94
N ILE A 132 -28.08 -20.15 11.16
CA ILE A 132 -27.23 -21.32 11.11
C ILE A 132 -26.49 -21.53 12.42
N LEU A 133 -25.92 -20.47 12.96
CA LEU A 133 -25.28 -20.51 14.28
C LEU A 133 -26.23 -21.05 15.37
N ALA A 134 -27.50 -20.71 15.28
CA ALA A 134 -28.48 -21.18 16.28
C ALA A 134 -28.66 -22.68 16.15
N LEU A 135 -28.68 -23.17 14.91
CA LEU A 135 -28.82 -24.60 14.66
C LEU A 135 -27.61 -25.38 15.13
N MET A 136 -26.45 -24.72 15.12
CA MET A 136 -25.19 -25.36 15.49
C MET A 136 -24.94 -25.41 16.98
N GLY A 137 -25.49 -24.45 17.72
CA GLY A 137 -25.40 -24.42 19.16
C GLY A 137 -24.68 -23.20 19.73
N TYR A 138 -24.30 -22.25 18.89
CA TYR A 138 -23.64 -21.02 19.34
C TYR A 138 -24.60 -20.17 20.19
N SER A 139 -24.07 -19.54 21.24
CA SER A 139 -24.85 -18.65 22.08
C SER A 139 -24.77 -17.22 21.61
N THR A 140 -23.74 -16.91 20.82
CA THR A 140 -23.29 -15.55 20.64
C THR A 140 -22.83 -15.28 19.22
N PHE A 141 -23.24 -14.12 18.69
CA PHE A 141 -22.85 -13.66 17.39
C PHE A 141 -22.14 -12.34 17.57
N GLU A 142 -21.01 -12.18 16.87
CA GLU A 142 -20.14 -10.97 17.00
C GLU A 142 -19.70 -10.47 15.64
N LEU A 143 -19.60 -9.15 15.51
CA LEU A 143 -19.08 -8.49 14.32
C LEU A 143 -17.86 -7.65 14.72
N TYR A 144 -16.78 -7.77 13.97
CA TYR A 144 -15.56 -7.01 14.23
C TYR A 144 -15.51 -5.77 13.33
N MET A 145 -15.60 -4.63 13.98
CA MET A 145 -15.78 -3.35 13.34
C MET A 145 -14.76 -2.38 13.88
N GLU A 146 -13.69 -2.14 13.14
CA GLU A 146 -12.71 -1.15 13.51
C GLU A 146 -13.33 0.21 13.32
N ASP A 147 -13.66 0.53 12.08
CA ASP A 147 -14.25 1.83 11.74
C ASP A 147 -15.62 1.70 11.11
N THR A 148 -16.16 0.48 11.09
CA THR A 148 -17.29 0.17 10.25
C THR A 148 -18.57 0.13 11.05
N TYR A 149 -18.69 1.12 11.95
CA TYR A 149 -19.95 1.47 12.60
C TYR A 149 -19.98 2.96 12.72
N GLN A 150 -21.17 3.52 12.55
CA GLN A 150 -21.33 4.96 12.51
C GLN A 150 -21.29 5.57 13.91
N ILE A 151 -20.60 6.69 14.01
CA ILE A 151 -20.52 7.46 15.25
C ILE A 151 -20.94 8.91 14.97
N GLU A 152 -21.88 9.42 15.76
CA GLU A 152 -22.40 10.76 15.56
C GLU A 152 -21.25 11.76 15.74
N GLY A 153 -21.18 12.76 14.86
CA GLY A 153 -20.14 13.77 14.91
C GLY A 153 -18.78 13.28 14.47
N GLN A 154 -18.71 12.09 13.87
CA GLN A 154 -17.43 11.59 13.31
C GLN A 154 -17.66 11.17 11.86
N PRO A 155 -17.79 12.16 10.95
CA PRO A 155 -18.15 11.85 9.57
C PRO A 155 -17.12 11.03 8.78
N TYR A 156 -15.84 11.07 9.16
CA TYR A 156 -14.80 10.30 8.46
C TYR A 156 -14.67 8.87 8.96
N PHE A 157 -15.30 8.57 10.11
CA PHE A 157 -15.26 7.25 10.71
C PHE A 157 -16.19 6.30 9.97
N GLY A 158 -15.60 5.44 9.11
CA GLY A 158 -16.37 4.49 8.32
C GLY A 158 -16.83 5.00 6.97
N TYR A 159 -16.33 6.18 6.62
CA TYR A 159 -16.68 6.89 5.38
C TYR A 159 -16.30 6.09 4.13
N PHE A 160 -17.30 5.88 3.29
CA PHE A 160 -17.24 4.98 2.11
C PHE A 160 -16.81 3.54 2.43
N ARG A 161 -16.95 3.12 3.68
CA ARG A 161 -16.64 1.76 4.07
C ARG A 161 -17.88 0.88 4.30
N GLY A 162 -19.06 1.45 4.13
CA GLY A 162 -20.30 0.74 4.45
C GLY A 162 -20.49 0.52 5.94
N ALA A 163 -20.11 1.50 6.74
CA ALA A 163 -20.27 1.43 8.19
C ALA A 163 -21.69 1.08 8.56
N TYR A 164 -21.90 0.17 9.49
CA TYR A 164 -23.28 -0.10 9.92
C TYR A 164 -23.88 1.12 10.61
N SER A 165 -25.11 1.44 10.29
CA SER A 165 -25.83 2.45 11.05
C SER A 165 -26.22 1.81 12.36
N ALA A 166 -26.57 2.65 13.33
CA ALA A 166 -27.05 2.14 14.61
C ALA A 166 -28.30 1.26 14.41
N GLU A 167 -29.14 1.62 13.45
CA GLU A 167 -30.37 0.88 13.18
C GLU A 167 -30.09 -0.50 12.62
N GLU A 168 -29.04 -0.62 11.82
CA GLU A 168 -28.69 -1.92 11.24
C GLU A 168 -28.19 -2.85 12.31
N LEU A 169 -27.37 -2.33 13.22
CA LEU A 169 -26.88 -3.16 14.31
C LEU A 169 -28.00 -3.58 15.22
N GLN A 170 -28.93 -2.67 15.50
CA GLN A 170 -30.11 -3.01 16.28
C GLN A 170 -30.93 -4.08 15.63
N GLU A 171 -31.10 -3.99 14.31
CA GLU A 171 -31.85 -5.00 13.56
C GLU A 171 -31.15 -6.35 13.65
N ILE A 172 -29.84 -6.35 13.41
CA ILE A 172 -29.07 -7.58 13.49
C ILE A 172 -29.19 -8.20 14.89
N GLU A 173 -29.01 -7.37 15.91
CA GLU A 173 -29.06 -7.86 17.28
C GLU A 173 -30.46 -8.37 17.66
N ALA A 174 -31.50 -7.64 17.27
CA ALA A 174 -32.87 -8.08 17.58
C ALA A 174 -33.20 -9.38 16.86
N TYR A 175 -32.61 -9.58 15.68
CA TYR A 175 -32.82 -10.81 14.96
C TYR A 175 -32.18 -11.97 15.72
N ALA A 176 -30.96 -11.76 16.19
CA ALA A 176 -30.29 -12.77 17.02
C ALA A 176 -31.12 -13.07 18.28
N GLN A 177 -31.71 -12.02 18.83
CA GLN A 177 -32.55 -12.16 20.03
C GLN A 177 -33.82 -13.02 19.79
N GLN A 178 -34.27 -13.12 18.55
CA GLN A 178 -35.38 -14.02 18.22
C GLN A 178 -35.03 -15.49 18.51
N PHE A 179 -33.73 -15.81 18.51
CA PHE A 179 -33.23 -17.16 18.78
C PHE A 179 -32.50 -17.28 20.13
N ASP A 180 -32.68 -16.26 20.98
CA ASP A 180 -31.97 -16.16 22.27
C ASP A 180 -30.47 -16.29 22.13
N VAL A 181 -29.96 -15.72 21.05
CA VAL A 181 -28.55 -15.61 20.75
C VAL A 181 -28.19 -14.15 21.09
N THR A 182 -27.11 -13.95 21.82
CA THR A 182 -26.71 -12.58 22.20
C THR A 182 -25.74 -12.03 21.18
N PHE A 183 -25.55 -10.71 21.23
CA PHE A 183 -24.72 -9.99 20.29
C PHE A 183 -23.57 -9.36 21.04
N VAL A 184 -22.36 -9.49 20.51
CA VAL A 184 -21.20 -8.83 21.09
C VAL A 184 -20.44 -8.09 20.00
N PRO A 185 -20.45 -6.75 20.02
CA PRO A 185 -19.61 -6.06 19.07
C PRO A 185 -18.15 -6.17 19.47
N CYS A 186 -17.28 -6.36 18.48
CA CYS A 186 -15.83 -6.30 18.70
C CYS A 186 -15.34 -5.05 17.97
N ILE A 187 -14.86 -4.07 18.76
CA ILE A 187 -14.44 -2.77 18.22
C ILE A 187 -12.94 -2.56 18.46
N GLN A 188 -12.43 -1.38 18.12
CA GLN A 188 -11.05 -1.03 18.44
C GLN A 188 -10.98 0.29 19.21
N THR A 189 -10.24 0.25 20.30
CA THR A 189 -10.02 1.44 21.12
C THR A 189 -8.54 1.78 21.25
N LEU A 190 -7.69 1.25 20.37
CA LEU A 190 -6.29 1.65 20.42
C LEU A 190 -5.69 1.65 19.02
N ALA A 191 -5.54 0.47 18.44
CA ALA A 191 -4.91 0.33 17.11
C ALA A 191 -5.88 -0.34 16.13
N HIS A 192 -5.37 -0.81 14.99
CA HIS A 192 -6.21 -1.37 13.93
C HIS A 192 -7.33 -0.38 13.49
N LEU A 193 -6.98 0.89 13.40
CA LEU A 193 -7.90 1.90 12.89
C LEU A 193 -7.35 2.59 11.64
N SER A 194 -6.64 1.83 10.79
CA SER A 194 -5.92 2.43 9.66
C SER A 194 -6.83 3.16 8.67
N ALA A 195 -8.03 2.63 8.46
CA ALA A 195 -8.93 3.15 7.46
C ALA A 195 -9.54 4.49 7.90
N PHE A 196 -9.60 4.71 9.21
CA PHE A 196 -10.04 5.99 9.81
C PHE A 196 -8.92 7.01 9.84
N VAL A 197 -7.79 6.64 10.44
CA VAL A 197 -6.71 7.62 10.70
C VAL A 197 -5.98 8.15 9.47
N LYS A 198 -6.25 7.57 8.29
CA LYS A 198 -5.65 8.07 7.04
C LYS A 198 -6.24 9.37 6.57
N TRP A 199 -7.44 9.72 7.03
CA TRP A 199 -8.10 10.95 6.54
C TRP A 199 -7.37 12.23 6.99
N GLY A 200 -6.91 12.99 6.01
CA GLY A 200 -6.06 14.15 6.29
C GLY A 200 -6.83 15.39 6.65
N VAL A 201 -7.54 15.32 7.78
CA VAL A 201 -8.20 16.48 8.38
C VAL A 201 -7.75 16.60 9.83
N LYS A 202 -7.72 17.82 10.35
CA LYS A 202 -7.20 18.07 11.68
C LYS A 202 -7.89 17.19 12.73
N GLU A 203 -9.21 17.08 12.63
CA GLU A 203 -10.04 16.35 13.59
C GLU A 203 -9.70 14.85 13.67
N VAL A 204 -9.04 14.31 12.65
CA VAL A 204 -8.58 12.93 12.65
C VAL A 204 -7.09 12.86 12.97
N GLN A 205 -6.29 13.71 12.33
CA GLN A 205 -4.84 13.69 12.58
C GLN A 205 -4.49 13.97 14.03
N GLU A 206 -5.24 14.83 14.72
CA GLU A 206 -4.96 15.16 16.12
C GLU A 206 -5.16 13.96 17.07
N LEU A 207 -5.78 12.89 16.57
CA LEU A 207 -6.04 11.68 17.33
C LEU A 207 -4.98 10.63 17.23
N ARG A 208 -3.89 10.91 16.51
CA ARG A 208 -2.95 9.88 16.14
C ARG A 208 -1.64 9.90 16.94
N ASP A 209 -1.11 8.70 17.20
CA ASP A 209 0.22 8.52 17.76
C ASP A 209 1.12 8.16 16.60
N VAL A 210 0.88 7.03 15.97
CA VAL A 210 1.78 6.51 14.94
C VAL A 210 1.05 5.35 14.24
N GLU A 211 1.39 5.13 12.98
CA GLU A 211 0.81 4.04 12.16
C GLU A 211 -0.72 4.04 12.30
N ASP A 212 -1.28 2.96 12.83
CA ASP A 212 -2.71 2.78 12.95
C ASP A 212 -3.18 2.94 14.40
N ILE A 213 -2.40 3.69 15.19
CA ILE A 213 -2.61 3.78 16.64
C ILE A 213 -3.07 5.18 17.09
N LEU A 214 -4.13 5.18 17.88
CA LEU A 214 -4.66 6.40 18.51
C LEU A 214 -3.74 6.91 19.61
N LEU A 215 -3.77 8.21 19.84
CA LEU A 215 -2.90 8.85 20.84
C LEU A 215 -3.43 8.74 22.28
N ILE A 216 -2.76 7.92 23.08
CA ILE A 216 -3.11 7.78 24.48
C ILE A 216 -2.90 9.11 25.17
N GLY A 217 -3.81 9.46 26.07
CA GLY A 217 -3.73 10.67 26.87
C GLY A 217 -4.37 11.89 26.24
N GLU A 218 -4.69 11.83 24.96
CA GLU A 218 -5.29 12.97 24.28
C GLU A 218 -6.78 12.93 24.58
N GLU A 219 -7.35 14.04 25.05
CA GLU A 219 -8.75 14.04 25.46
C GLU A 219 -9.70 13.87 24.30
N LYS A 220 -9.33 14.36 23.12
CA LYS A 220 -10.09 14.13 21.89
C LYS A 220 -10.21 12.64 21.54
N VAL A 221 -9.20 11.85 21.88
CA VAL A 221 -9.28 10.40 21.70
C VAL A 221 -10.31 9.80 22.64
N TYR A 222 -10.36 10.27 23.88
CA TYR A 222 -11.37 9.76 24.80
C TYR A 222 -12.75 10.32 24.44
N ASP A 223 -12.83 11.49 23.83
CA ASP A 223 -14.11 11.93 23.23
C ASP A 223 -14.62 10.98 22.13
N LEU A 224 -13.72 10.58 21.24
CA LEU A 224 -14.02 9.57 20.20
C LEU A 224 -14.50 8.28 20.80
N ILE A 225 -13.71 7.71 21.70
CA ILE A 225 -14.05 6.45 22.37
C ILE A 225 -15.39 6.53 23.13
N ASP A 226 -15.66 7.66 23.77
CA ASP A 226 -16.96 7.88 24.37
C ASP A 226 -18.08 7.79 23.32
N GLY A 227 -17.82 8.37 22.16
CA GLY A 227 -18.73 8.28 21.04
C GLY A 227 -18.92 6.85 20.53
N MET A 228 -17.85 6.05 20.56
CA MET A 228 -17.99 4.63 20.21
C MET A 228 -19.01 3.94 21.13
N PHE A 229 -18.91 4.21 22.42
CA PHE A 229 -19.84 3.60 23.39
C PHE A 229 -21.25 4.22 23.35
N ALA A 230 -21.35 5.51 23.03
CA ALA A 230 -22.67 6.12 22.84
C ALA A 230 -23.42 5.38 21.73
N THR A 231 -22.72 5.04 20.64
CA THR A 231 -23.36 4.30 19.58
C THR A 231 -23.73 2.90 20.05
N LEU A 232 -22.78 2.21 20.68
CA LEU A 232 -23.03 0.84 21.13
C LEU A 232 -24.11 0.75 22.23
N SER A 233 -24.28 1.81 23.03
CA SER A 233 -25.23 1.77 24.13
C SER A 233 -26.65 1.74 23.63
N LYS A 234 -26.86 2.02 22.35
CA LYS A 234 -28.17 1.91 21.70
C LYS A 234 -28.62 0.46 21.49
N LEU A 235 -27.67 -0.46 21.55
CA LEU A 235 -27.98 -1.89 21.54
C LEU A 235 -28.49 -2.31 22.91
N LYS A 236 -29.07 -3.51 23.01
CA LYS A 236 -29.47 -4.08 24.30
C LYS A 236 -28.24 -4.65 25.01
N THR A 237 -27.36 -5.29 24.23
CA THR A 237 -26.16 -5.90 24.78
C THR A 237 -25.33 -4.93 25.62
N ARG A 238 -24.74 -5.46 26.69
CA ARG A 238 -23.80 -4.69 27.54
C ARG A 238 -22.47 -5.45 27.69
N LYS A 239 -22.13 -6.19 26.63
CA LYS A 239 -20.89 -6.90 26.53
C LYS A 239 -20.17 -6.48 25.24
N VAL A 240 -18.87 -6.20 25.33
CA VAL A 240 -18.10 -5.66 24.23
C VAL A 240 -16.64 -6.11 24.30
N ASN A 241 -16.08 -6.41 23.12
CA ASN A 241 -14.64 -6.58 22.98
C ASN A 241 -14.02 -5.25 22.49
N ILE A 242 -13.20 -4.64 23.35
CA ILE A 242 -12.61 -3.33 23.09
C ILE A 242 -11.31 -3.33 22.27
N GLY A 243 -10.87 -4.50 21.83
CA GLY A 243 -9.70 -4.61 21.00
C GLY A 243 -8.42 -4.53 21.80
N MET A 244 -7.54 -3.63 21.39
CA MET A 244 -6.19 -3.36 21.98
C MET A 244 -5.11 -4.37 21.68
N ASP A 245 -5.34 -5.14 20.61
CA ASP A 245 -4.32 -6.01 20.04
C ASP A 245 -3.37 -5.21 19.15
N GLU A 246 -2.15 -5.71 19.04
CA GLU A 246 -1.22 -5.35 17.94
C GLU A 246 -0.99 -3.86 17.77
N ALA A 247 -0.72 -3.19 18.89
CA ALA A 247 -0.39 -1.76 18.92
C ALA A 247 1.11 -1.64 19.13
N HIS A 248 1.85 -2.19 18.17
CA HIS A 248 3.26 -2.48 18.34
C HIS A 248 4.14 -1.25 18.68
N LEU A 249 3.90 -0.10 18.04
CA LEU A 249 4.73 1.08 18.35
C LEU A 249 4.01 2.07 19.27
N VAL A 250 3.07 1.59 20.08
CA VAL A 250 2.34 2.45 21.01
C VAL A 250 3.33 3.24 21.89
N GLY A 251 3.09 4.54 21.97
CA GLY A 251 3.92 5.43 22.77
C GLY A 251 5.16 5.96 22.08
N LEU A 252 5.43 5.51 20.87
CA LEU A 252 6.69 5.83 20.18
C LEU A 252 6.60 6.83 19.03
N GLY A 253 5.41 7.33 18.71
CA GLY A 253 5.27 8.30 17.65
C GLY A 253 5.05 9.69 18.20
N ARG A 254 3.89 10.25 17.87
CA ARG A 254 3.57 11.56 18.34
C ARG A 254 3.45 11.58 19.87
N TYR A 255 3.07 10.46 20.48
CA TYR A 255 3.15 10.31 21.94
C TYR A 255 4.56 10.61 22.47
N LEU A 256 5.57 10.02 21.85
CA LEU A 256 6.95 10.22 22.29
C LEU A 256 7.38 11.68 22.16
N ILE A 257 6.97 12.32 21.06
CA ILE A 257 7.31 13.70 20.80
C ILE A 257 6.67 14.59 21.85
N LEU A 258 5.43 14.30 22.19
CA LEU A 258 4.69 15.12 23.11
C LEU A 258 5.07 14.88 24.56
N ASN A 259 5.34 13.63 24.94
CA ASN A 259 5.44 13.25 26.37
C ASN A 259 6.79 12.68 26.79
N GLY A 260 7.67 12.40 25.83
CA GLY A 260 8.91 11.69 26.09
C GLY A 260 8.75 10.21 26.38
N VAL A 261 9.88 9.62 26.76
CA VAL A 261 9.98 8.21 27.08
C VAL A 261 9.17 7.90 28.34
N VAL A 262 8.36 6.84 28.28
CA VAL A 262 7.61 6.40 29.42
C VAL A 262 7.62 4.89 29.46
N ASP A 263 7.25 4.35 30.61
CA ASP A 263 7.14 2.90 30.78
C ASP A 263 5.90 2.48 29.98
N ARG A 264 6.10 1.66 28.97
CA ARG A 264 5.00 1.37 28.05
C ARG A 264 3.97 0.39 28.61
N SER A 265 4.37 -0.46 29.56
CA SER A 265 3.41 -1.34 30.21
C SER A 265 2.41 -0.53 31.03
N LEU A 266 2.89 0.54 31.67
CA LEU A 266 2.02 1.43 32.46
C LEU A 266 1.14 2.33 31.60
N LEU A 267 1.69 2.81 30.49
CA LEU A 267 0.94 3.52 29.46
C LEU A 267 -0.27 2.71 29.03
N MET A 268 -0.05 1.43 28.77
CA MET A 268 -1.14 0.55 28.41
C MET A 268 -2.20 0.50 29.52
N CYS A 269 -1.76 0.29 30.76
CA CYS A 269 -2.70 0.22 31.86
C CYS A 269 -3.48 1.52 31.98
N GLN A 270 -2.83 2.67 31.79
CA GLN A 270 -3.49 3.97 31.88
C GLN A 270 -4.60 4.12 30.87
N HIS A 271 -4.27 3.78 29.63
CA HIS A 271 -5.22 3.83 28.55
C HIS A 271 -6.34 2.83 28.82
N LEU A 272 -5.97 1.62 29.22
CA LEU A 272 -6.98 0.60 29.55
C LEU A 272 -7.95 1.13 30.60
N GLU A 273 -7.43 1.78 31.65
CA GLU A 273 -8.31 2.30 32.71
C GLU A 273 -9.29 3.38 32.23
N ARG A 274 -8.80 4.35 31.45
CA ARG A 274 -9.67 5.35 30.84
C ARG A 274 -10.78 4.64 30.04
N VAL A 275 -10.43 3.67 29.21
CA VAL A 275 -11.47 3.01 28.40
C VAL A 275 -12.49 2.26 29.29
N LEU A 276 -12.02 1.58 30.32
CA LEU A 276 -12.91 0.84 31.20
C LEU A 276 -13.87 1.77 31.93
N ASP A 277 -13.39 2.97 32.28
CA ASP A 277 -14.22 3.98 32.92
C ASP A 277 -15.32 4.48 31.96
N ILE A 278 -14.97 4.63 30.69
CA ILE A 278 -15.94 5.05 29.69
C ILE A 278 -16.97 3.94 29.49
N ALA A 279 -16.52 2.71 29.39
CA ALA A 279 -17.44 1.59 29.31
C ALA A 279 -18.40 1.57 30.51
N ASP A 280 -17.87 1.79 31.72
CA ASP A 280 -18.67 1.74 32.96
C ASP A 280 -19.78 2.79 32.91
N LYS A 281 -19.44 3.96 32.41
CA LYS A 281 -20.40 5.01 32.21
C LYS A 281 -21.63 4.52 31.43
N TYR A 282 -21.40 3.65 30.45
CA TYR A 282 -22.49 3.12 29.64
C TYR A 282 -23.02 1.76 30.11
N GLY A 283 -22.46 1.25 31.21
CA GLY A 283 -22.85 -0.04 31.75
C GLY A 283 -22.29 -1.25 31.03
N PHE A 284 -21.25 -1.07 30.23
CA PHE A 284 -20.65 -2.20 29.51
C PHE A 284 -19.66 -2.97 30.35
N HIS A 285 -19.58 -4.28 30.05
CA HIS A 285 -18.56 -5.20 30.58
C HIS A 285 -17.66 -5.58 29.41
N CYS A 286 -16.36 -5.45 29.61
CA CYS A 286 -15.41 -5.51 28.51
C CYS A 286 -14.57 -6.76 28.43
N GLN A 287 -14.24 -7.13 27.20
CA GLN A 287 -13.19 -8.10 26.94
C GLN A 287 -12.14 -7.40 26.10
N MET A 288 -10.92 -7.87 26.15
CA MET A 288 -9.91 -7.33 25.27
C MET A 288 -9.04 -8.44 24.80
N TRP A 289 -8.37 -8.24 23.68
CA TRP A 289 -7.32 -9.12 23.26
C TRP A 289 -6.16 -8.92 24.22
N SER A 290 -5.44 -10.00 24.50
CA SER A 290 -4.41 -10.02 25.56
C SER A 290 -2.97 -9.77 25.13
N ASP A 291 -2.70 -9.70 23.83
CA ASP A 291 -1.33 -9.75 23.34
C ASP A 291 -0.36 -8.61 23.72
N MET A 292 -0.84 -7.40 23.90
CA MET A 292 0.10 -6.29 24.18
C MET A 292 0.76 -6.42 25.57
N PHE A 293 0.07 -7.03 26.53
CA PHE A 293 0.67 -7.25 27.86
C PHE A 293 1.91 -8.09 27.74
N PHE A 294 1.80 -9.17 26.97
CA PHE A 294 2.92 -10.07 26.73
C PHE A 294 4.02 -9.41 25.90
N LYS A 295 3.67 -8.73 24.81
CA LYS A 295 4.72 -8.12 23.96
C LYS A 295 5.48 -7.01 24.68
N LEU A 296 4.78 -6.20 25.46
CA LEU A 296 5.43 -5.12 26.22
C LEU A 296 6.19 -5.58 27.46
N MET A 297 6.00 -6.82 27.91
CA MET A 297 6.59 -7.25 29.16
C MET A 297 7.46 -8.48 29.00
N SER A 298 7.83 -8.77 27.75
CA SER A 298 8.71 -9.87 27.47
C SER A 298 9.94 -9.28 26.78
N ALA A 299 11.04 -10.02 26.87
CA ALA A 299 12.33 -9.52 26.44
C ALA A 299 12.41 -9.39 24.92
N ASP A 300 11.88 -10.35 24.17
CA ASP A 300 11.97 -10.23 22.70
C ASP A 300 10.64 -9.76 22.07
N GLY A 301 9.72 -9.24 22.88
CA GLY A 301 8.52 -8.57 22.37
C GLY A 301 7.57 -9.49 21.62
N GLN A 302 7.22 -10.60 22.24
CA GLN A 302 6.35 -11.61 21.60
C GLN A 302 5.21 -12.03 22.52
N TYR A 303 4.18 -12.60 21.89
CA TYR A 303 2.99 -13.06 22.58
C TYR A 303 3.28 -14.29 23.41
N ASP A 304 3.98 -15.24 22.78
CA ASP A 304 4.18 -16.58 23.33
C ASP A 304 5.40 -16.58 24.25
N ARG A 305 5.28 -15.86 25.37
CA ARG A 305 6.39 -15.68 26.31
C ARG A 305 5.88 -15.64 27.75
N ASP A 306 6.72 -16.12 28.66
CA ASP A 306 6.51 -15.89 30.09
C ASP A 306 6.95 -14.45 30.34
N VAL A 307 6.24 -13.72 31.20
CA VAL A 307 6.58 -12.30 31.36
C VAL A 307 7.06 -11.91 32.74
N GLU A 308 8.02 -10.99 32.76
CA GLU A 308 8.49 -10.34 33.95
C GLU A 308 7.67 -9.08 34.07
N ILE A 309 6.78 -9.07 35.04
CA ILE A 309 5.88 -7.96 35.25
C ILE A 309 6.56 -7.02 36.22
N PRO A 310 6.87 -5.78 35.80
CA PRO A 310 7.42 -4.83 36.77
C PRO A 310 6.40 -4.56 37.86
N GLU A 311 6.87 -4.28 39.07
CA GLU A 311 5.96 -4.21 40.24
C GLU A 311 4.90 -3.14 40.07
N GLU A 312 5.26 -1.97 39.57
CA GLU A 312 4.24 -0.92 39.44
C GLU A 312 3.12 -1.38 38.50
N THR A 313 3.49 -2.14 37.48
CA THR A 313 2.52 -2.64 36.52
C THR A 313 1.67 -3.73 37.15
N ARG A 314 2.30 -4.58 37.97
CA ARG A 314 1.58 -5.63 38.68
C ARG A 314 0.48 -5.06 39.56
N VAL A 315 0.78 -3.95 40.25
CA VAL A 315 -0.20 -3.33 41.13
C VAL A 315 -1.37 -2.77 40.30
N TYR A 316 -1.03 -2.18 39.14
CA TYR A 316 -2.05 -1.62 38.24
C TYR A 316 -2.90 -2.77 37.61
N LEU A 317 -2.24 -3.80 37.09
CA LEU A 317 -2.99 -4.94 36.54
C LEU A 317 -3.85 -5.63 37.59
N ASP A 318 -3.32 -5.82 38.79
CA ASP A 318 -4.14 -6.36 39.88
C ASP A 318 -5.48 -5.63 40.08
N ARG A 319 -5.47 -4.31 39.98
CA ARG A 319 -6.73 -3.54 40.02
C ARG A 319 -7.56 -3.80 38.76
N LEU A 320 -6.96 -3.57 37.59
CA LEU A 320 -7.67 -3.66 36.31
C LEU A 320 -8.19 -5.07 35.95
N LYS A 321 -7.52 -6.13 36.42
CA LYS A 321 -7.90 -7.50 36.04
C LYS A 321 -9.32 -7.93 36.47
N ASP A 322 -9.86 -7.29 37.51
CA ASP A 322 -11.21 -7.58 37.97
C ASP A 322 -12.28 -6.91 37.12
N ARG A 323 -11.89 -6.08 36.13
CA ARG A 323 -12.83 -5.32 35.32
C ARG A 323 -12.76 -5.67 33.83
N VAL A 324 -11.92 -6.62 33.44
CA VAL A 324 -11.81 -6.95 32.03
C VAL A 324 -11.48 -8.42 31.84
N THR A 325 -12.09 -9.02 30.84
CA THR A 325 -11.74 -10.36 30.45
C THR A 325 -10.65 -10.32 29.39
N LEU A 326 -9.56 -11.05 29.63
CA LEU A 326 -8.49 -11.13 28.66
C LEU A 326 -8.73 -12.32 27.71
N VAL A 327 -8.55 -12.08 26.41
CA VAL A 327 -8.80 -13.07 25.39
C VAL A 327 -7.49 -13.48 24.81
N TYR A 328 -7.11 -14.70 25.10
CA TYR A 328 -5.95 -15.32 24.49
C TYR A 328 -6.40 -15.87 23.16
N TRP A 329 -5.75 -15.40 22.10
CA TRP A 329 -6.06 -15.80 20.75
C TRP A 329 -4.88 -16.51 20.12
N ASP A 330 -5.17 -17.63 19.48
CA ASP A 330 -4.15 -18.44 18.92
C ASP A 330 -4.77 -19.38 17.90
N TYR A 331 -4.33 -19.24 16.66
CA TYR A 331 -4.88 -20.00 15.54
C TYR A 331 -3.95 -21.02 14.96
N TYR A 332 -2.81 -21.23 15.61
CA TYR A 332 -1.64 -21.85 14.97
C TYR A 332 -1.13 -23.16 15.61
N GLN A 333 -1.42 -23.43 16.88
CA GLN A 333 -0.71 -24.53 17.56
C GLN A 333 -1.37 -25.87 17.22
N ASP A 334 -0.54 -26.88 17.00
CA ASP A 334 -1.00 -28.22 16.68
C ASP A 334 -1.03 -29.18 17.89
N SER A 335 -0.85 -28.68 19.11
CA SER A 335 -0.89 -29.53 20.29
C SER A 335 -1.41 -28.80 21.53
N GLU A 336 -2.11 -29.56 22.36
CA GLU A 336 -2.67 -29.04 23.60
C GLU A 336 -1.62 -28.35 24.48
N GLU A 337 -0.41 -28.93 24.54
CA GLU A 337 0.67 -28.48 25.45
C GLU A 337 1.04 -27.03 25.20
N LYS A 338 1.24 -26.69 23.92
CA LYS A 338 1.51 -25.33 23.49
C LYS A 338 0.44 -24.36 23.94
N TYR A 339 -0.82 -24.73 23.78
CA TYR A 339 -1.92 -23.92 24.31
C TYR A 339 -1.82 -23.81 25.82
N ASN A 340 -1.60 -24.94 26.49
CA ASN A 340 -1.53 -24.97 27.95
C ASN A 340 -0.43 -24.04 28.48
N ARG A 341 0.75 -24.09 27.89
CA ARG A 341 1.83 -23.15 28.20
C ARG A 341 1.34 -21.69 28.21
N ASN A 342 0.65 -21.29 27.15
CA ASN A 342 0.18 -19.91 27.07
C ASN A 342 -0.88 -19.60 28.09
N PHE A 343 -1.77 -20.56 28.33
CA PHE A 343 -2.73 -20.39 29.41
C PHE A 343 -2.02 -20.17 30.74
N ARG A 344 -0.99 -20.97 31.00
CA ARG A 344 -0.21 -20.80 32.25
C ARG A 344 0.42 -19.38 32.30
N ASN A 345 0.95 -18.89 31.18
CA ASN A 345 1.48 -17.54 31.15
C ASN A 345 0.37 -16.54 31.50
N HIS A 346 -0.84 -16.76 30.98
CA HIS A 346 -1.94 -15.83 31.22
C HIS A 346 -2.37 -15.82 32.68
N HIS A 347 -2.36 -17.00 33.31
CA HIS A 347 -2.70 -17.08 34.74
C HIS A 347 -1.85 -16.20 35.64
N LYS A 348 -0.62 -15.85 35.23
CA LYS A 348 0.21 -14.93 36.02
C LYS A 348 -0.43 -13.54 36.10
N ILE A 349 -1.22 -13.19 35.10
CA ILE A 349 -1.97 -11.94 35.12
C ILE A 349 -3.39 -12.11 35.66
N SER A 350 -4.12 -13.11 35.19
CA SER A 350 -5.56 -13.16 35.49
C SER A 350 -6.13 -14.54 35.25
N HIS A 351 -7.18 -14.88 36.00
CA HIS A 351 -7.92 -16.12 35.78
C HIS A 351 -9.22 -15.88 35.06
N ASP A 352 -9.57 -14.64 34.81
CA ASP A 352 -10.73 -14.31 34.00
C ASP A 352 -10.31 -14.22 32.52
N LEU A 353 -10.33 -15.37 31.86
CA LEU A 353 -9.81 -15.56 30.51
C LEU A 353 -10.90 -16.08 29.58
N ALA A 354 -10.81 -15.72 28.30
CA ALA A 354 -11.50 -16.40 27.23
C ALA A 354 -10.49 -16.82 26.17
N PHE A 355 -10.91 -17.71 25.28
CA PHE A 355 -10.07 -18.17 24.18
C PHE A 355 -10.70 -17.83 22.83
N ALA A 356 -9.87 -17.39 21.88
CA ALA A 356 -10.30 -17.20 20.52
C ALA A 356 -9.59 -18.20 19.63
N GLY A 357 -10.36 -19.09 19.03
CA GLY A 357 -9.88 -19.99 18.00
C GLY A 357 -10.18 -19.47 16.60
N GLY A 358 -9.86 -20.27 15.59
CA GLY A 358 -9.80 -19.77 14.23
C GLY A 358 -10.68 -20.49 13.23
N ALA A 359 -11.45 -19.71 12.49
CA ALA A 359 -12.07 -20.23 11.29
C ALA A 359 -11.29 -19.61 10.15
N TRP A 360 -10.35 -20.39 9.62
CA TRP A 360 -9.38 -19.88 8.66
C TRP A 360 -10.03 -19.44 7.37
N LYS A 361 -10.31 -18.14 7.28
CA LYS A 361 -10.83 -17.54 6.05
C LYS A 361 -10.13 -16.21 5.75
N TRP A 362 -8.84 -16.12 6.07
CA TRP A 362 -8.11 -14.86 5.92
C TRP A 362 -6.86 -14.95 5.06
N ILE A 363 -6.80 -15.98 4.23
CA ILE A 363 -5.63 -16.20 3.42
C ILE A 363 -5.93 -16.11 1.93
N GLY A 364 -6.84 -15.20 1.58
CA GLY A 364 -7.10 -14.85 0.20
C GLY A 364 -8.52 -15.11 -0.24
N PHE A 365 -8.71 -16.06 -1.15
CA PHE A 365 -10.01 -16.36 -1.79
C PHE A 365 -10.62 -17.62 -1.22
N THR A 366 -9.78 -18.41 -0.56
CA THR A 366 -10.08 -19.79 -0.23
C THR A 366 -9.76 -20.07 1.23
N PRO A 367 -10.72 -20.65 1.97
CA PRO A 367 -10.48 -20.98 3.37
C PRO A 367 -9.61 -22.20 3.58
N HIS A 368 -9.39 -22.51 4.86
CA HIS A 368 -8.72 -23.74 5.26
C HIS A 368 -9.49 -24.34 6.47
N ASN A 369 -10.68 -24.85 6.17
CA ASN A 369 -11.45 -25.60 7.13
C ASN A 369 -10.68 -26.82 7.68
N HIS A 370 -9.92 -27.48 6.81
CA HIS A 370 -9.03 -28.56 7.23
C HIS A 370 -8.10 -28.16 8.36
N PHE A 371 -7.34 -27.09 8.17
CA PHE A 371 -6.38 -26.70 9.18
C PHE A 371 -7.15 -26.30 10.43
N SER A 372 -8.30 -25.65 10.21
CA SER A 372 -9.11 -25.19 11.31
C SER A 372 -9.53 -26.36 12.19
N ARG A 373 -9.87 -27.51 11.56
CA ARG A 373 -10.30 -28.69 12.27
C ARG A 373 -9.12 -29.21 13.08
N LEU A 374 -7.97 -29.32 12.45
CA LEU A 374 -6.76 -29.83 13.11
C LEU A 374 -6.45 -29.11 14.43
N VAL A 375 -6.39 -27.79 14.40
CA VAL A 375 -6.08 -27.02 15.59
C VAL A 375 -7.23 -26.92 16.58
N ALA A 376 -8.48 -26.93 16.13
CA ALA A 376 -9.62 -26.87 17.07
C ALA A 376 -9.62 -28.05 18.03
N ILE A 377 -9.38 -29.24 17.50
CA ILE A 377 -9.31 -30.43 18.32
C ILE A 377 -8.34 -30.24 19.47
N GLU A 378 -7.14 -29.73 19.20
CA GLU A 378 -6.15 -29.56 20.25
C GLU A 378 -6.45 -28.36 21.15
N ALA A 379 -7.00 -27.28 20.60
CA ALA A 379 -7.34 -26.10 21.40
C ALA A 379 -8.46 -26.41 22.37
N ASN A 380 -9.38 -27.26 21.94
CA ASN A 380 -10.51 -27.65 22.77
C ASN A 380 -10.01 -28.42 23.99
N LYS A 381 -9.01 -29.29 23.81
CA LYS A 381 -8.43 -30.01 24.96
C LYS A 381 -7.88 -29.04 26.00
N ALA A 382 -7.11 -28.09 25.52
CA ALA A 382 -6.48 -27.09 26.40
C ALA A 382 -7.53 -26.20 27.08
N CYS A 383 -8.52 -25.71 26.33
CA CYS A 383 -9.51 -24.82 26.91
C CYS A 383 -10.21 -25.53 28.06
N ARG A 384 -10.60 -26.78 27.82
CA ARG A 384 -11.22 -27.62 28.85
C ARG A 384 -10.30 -27.81 30.07
N ALA A 385 -9.02 -28.04 29.83
CA ALA A 385 -8.05 -28.21 30.92
C ALA A 385 -7.94 -26.96 31.79
N ASN A 386 -8.12 -25.79 31.19
CA ASN A 386 -7.97 -24.54 31.93
C ASN A 386 -9.30 -23.90 32.31
N GLN A 387 -10.34 -24.71 32.38
CA GLN A 387 -11.68 -24.23 32.70
C GLN A 387 -12.07 -22.93 31.98
N ILE A 388 -11.81 -22.83 30.68
CA ILE A 388 -12.18 -21.65 29.90
C ILE A 388 -13.69 -21.57 29.78
N LYS A 389 -14.26 -20.44 30.16
CA LYS A 389 -15.72 -20.21 30.13
C LYS A 389 -16.30 -19.98 28.71
N GLU A 390 -15.49 -19.43 27.81
CA GLU A 390 -15.97 -18.94 26.54
C GLU A 390 -14.93 -19.09 25.47
N VAL A 391 -15.30 -19.70 24.35
CA VAL A 391 -14.49 -19.74 23.15
C VAL A 391 -15.11 -18.83 22.09
N ILE A 392 -14.29 -17.97 21.50
CA ILE A 392 -14.74 -17.10 20.41
C ILE A 392 -14.09 -17.58 19.14
N VAL A 393 -14.88 -18.11 18.23
CA VAL A 393 -14.37 -18.54 16.95
C VAL A 393 -14.28 -17.33 16.04
N THR A 394 -13.08 -17.02 15.54
CA THR A 394 -12.82 -15.77 14.82
C THR A 394 -12.61 -16.03 13.34
N GLY A 395 -13.43 -15.37 12.53
CA GLY A 395 -13.33 -15.42 11.07
C GLY A 395 -12.72 -14.17 10.45
N TRP A 396 -11.41 -13.98 10.65
CA TRP A 396 -10.75 -12.79 10.12
C TRP A 396 -10.74 -12.79 8.57
N GLY A 397 -10.57 -11.61 8.00
CA GLY A 397 -10.58 -11.46 6.55
C GLY A 397 -9.40 -10.68 6.01
N ASP A 398 -8.26 -10.80 6.69
CA ASP A 398 -7.01 -10.07 6.37
C ASP A 398 -6.82 -9.63 4.92
N ASN A 399 -6.44 -8.38 4.74
CA ASN A 399 -5.97 -7.86 3.43
C ASN A 399 -6.99 -7.83 2.29
N GLY A 400 -8.25 -7.48 2.58
CA GLY A 400 -9.22 -7.18 1.53
C GLY A 400 -10.47 -8.06 1.50
N GLY A 401 -10.52 -9.02 2.43
CA GLY A 401 -11.77 -9.76 2.70
C GLY A 401 -12.22 -10.63 1.53
N GLU A 402 -11.26 -11.23 0.83
CA GLU A 402 -11.56 -11.90 -0.43
C GLU A 402 -12.11 -13.31 -0.28
N THR A 403 -12.20 -13.84 0.94
CA THR A 403 -12.80 -15.16 1.14
C THR A 403 -14.28 -15.03 1.51
N ALA A 404 -15.09 -15.96 1.01
CA ALA A 404 -16.54 -15.92 1.20
C ALA A 404 -16.90 -16.04 2.69
N GLN A 405 -17.90 -15.27 3.11
CA GLN A 405 -18.32 -15.28 4.51
C GLN A 405 -18.88 -16.64 4.94
N PHE A 406 -19.56 -17.33 4.03
CA PHE A 406 -20.11 -18.67 4.37
C PHE A 406 -19.16 -19.84 4.04
N SER A 407 -17.91 -19.51 3.72
CA SER A 407 -16.90 -20.53 3.36
C SER A 407 -16.48 -21.42 4.54
N ILE A 408 -16.71 -20.95 5.76
CA ILE A 408 -16.20 -21.66 6.94
C ILE A 408 -17.26 -22.36 7.79
N LEU A 409 -18.47 -22.55 7.27
CA LEU A 409 -19.50 -23.28 8.04
C LEU A 409 -18.99 -24.59 8.67
N PRO A 410 -18.19 -25.39 7.92
CA PRO A 410 -17.61 -26.58 8.54
C PRO A 410 -16.80 -26.33 9.82
N SER A 411 -15.94 -25.30 9.82
CA SER A 411 -15.20 -24.93 11.05
C SER A 411 -16.17 -24.56 12.18
N LEU A 412 -17.25 -23.87 11.85
CA LEU A 412 -18.22 -23.50 12.88
C LEU A 412 -18.90 -24.73 13.49
N GLN A 413 -19.27 -25.71 12.66
CA GLN A 413 -19.91 -26.92 13.18
C GLN A 413 -18.89 -27.69 13.98
N ILE A 414 -17.66 -27.75 13.47
CA ILE A 414 -16.57 -28.36 14.23
C ILE A 414 -16.47 -27.83 15.69
N TRP A 415 -16.42 -26.52 15.87
CA TRP A 415 -16.29 -26.01 17.24
C TRP A 415 -17.51 -26.29 18.09
N ALA A 416 -18.69 -26.24 17.47
CA ALA A 416 -19.92 -26.60 18.15
C ALA A 416 -19.92 -28.07 18.61
N GLU A 417 -19.50 -28.97 17.73
CA GLU A 417 -19.44 -30.40 18.10
C GLU A 417 -18.48 -30.61 19.26
N LEU A 418 -17.31 -29.98 19.18
CA LEU A 418 -16.34 -30.04 20.25
C LEU A 418 -16.86 -29.50 21.58
N SER A 419 -17.68 -28.46 21.58
CA SER A 419 -18.21 -27.96 22.85
C SER A 419 -19.28 -28.88 23.42
N TYR A 420 -20.22 -29.29 22.58
CA TYR A 420 -21.39 -30.04 23.03
C TYR A 420 -21.14 -31.51 23.27
N ARG A 421 -20.26 -32.11 22.48
CA ARG A 421 -20.02 -33.55 22.49
C ARG A 421 -18.57 -33.95 22.77
N ASN A 422 -17.64 -32.99 22.63
CA ASN A 422 -16.23 -33.29 22.82
C ASN A 422 -15.66 -34.33 21.84
N ASP A 423 -16.31 -34.47 20.70
CA ASP A 423 -15.80 -35.32 19.62
C ASP A 423 -16.48 -34.90 18.33
N LEU A 424 -16.02 -35.48 17.23
CA LEU A 424 -16.54 -35.15 15.92
C LEU A 424 -17.40 -36.25 15.29
N ASP A 425 -17.82 -37.22 16.10
CA ASP A 425 -18.59 -38.37 15.61
C ASP A 425 -19.86 -37.95 14.89
N GLY A 426 -20.48 -36.87 15.35
CA GLY A 426 -21.74 -36.43 14.73
C GLY A 426 -21.54 -35.31 13.70
N LEU A 427 -20.31 -34.99 13.36
CA LEU A 427 -20.06 -33.75 12.61
C LEU A 427 -20.74 -33.71 11.24
N SER A 428 -20.52 -34.75 10.42
CA SER A 428 -21.04 -34.74 9.06
C SER A 428 -22.57 -34.82 8.99
N ALA A 429 -23.18 -35.63 9.85
CA ALA A 429 -24.63 -35.80 9.86
C ALA A 429 -25.30 -34.52 10.33
N HIS A 430 -24.78 -33.92 11.40
CA HIS A 430 -25.35 -32.67 11.84
C HIS A 430 -25.17 -31.61 10.77
N PHE A 431 -24.00 -31.57 10.15
CA PHE A 431 -23.73 -30.59 9.10
C PHE A 431 -24.68 -30.70 7.93
N LYS A 432 -24.83 -31.90 7.37
CA LYS A 432 -25.80 -32.11 6.28
C LYS A 432 -27.25 -31.75 6.67
N THR A 433 -27.66 -32.12 7.88
CA THR A 433 -28.99 -31.70 8.36
C THR A 433 -29.12 -30.19 8.27
N ASN A 434 -28.07 -29.45 8.62
CA ASN A 434 -28.13 -27.97 8.64
C ASN A 434 -27.91 -27.26 7.31
N THR A 435 -27.22 -27.91 6.37
CA THR A 435 -26.86 -27.27 5.10
C THR A 435 -27.27 -27.96 3.81
N GLY A 436 -27.57 -29.26 3.88
CA GLY A 436 -27.83 -30.09 2.69
C GLY A 436 -26.61 -30.79 2.13
N LEU A 437 -25.40 -30.36 2.52
CA LEU A 437 -24.13 -30.99 2.08
C LEU A 437 -23.55 -31.83 3.22
N THR A 438 -22.85 -32.90 2.89
CA THR A 438 -21.99 -33.56 3.85
C THR A 438 -20.86 -32.59 4.13
N VAL A 439 -20.26 -32.70 5.30
CA VAL A 439 -19.17 -31.82 5.67
C VAL A 439 -17.96 -32.07 4.78
N GLU A 440 -17.79 -33.31 4.28
CA GLU A 440 -16.63 -33.58 3.42
C GLU A 440 -16.78 -32.94 2.05
N ASP A 441 -17.99 -32.95 1.50
CA ASP A 441 -18.27 -32.23 0.25
C ASP A 441 -18.02 -30.75 0.46
N PHE A 442 -18.58 -30.19 1.53
CA PHE A 442 -18.44 -28.77 1.76
C PHE A 442 -16.96 -28.39 1.93
N MET A 443 -16.21 -29.18 2.68
CA MET A 443 -14.81 -28.89 2.95
C MET A 443 -13.90 -29.02 1.72
N GLN A 444 -14.43 -29.56 0.62
CA GLN A 444 -13.73 -29.45 -0.67
C GLN A 444 -13.57 -28.00 -1.13
N ILE A 445 -14.34 -27.09 -0.52
CA ILE A 445 -14.13 -25.65 -0.73
C ILE A 445 -12.68 -25.19 -0.49
N ASP A 446 -11.93 -25.93 0.33
CA ASP A 446 -10.51 -25.64 0.66
C ASP A 446 -9.56 -26.01 -0.46
N LEU A 447 -10.03 -26.68 -1.50
CA LEU A 447 -9.11 -27.35 -2.41
C LEU A 447 -7.97 -26.52 -2.99
N ALA A 448 -8.18 -25.25 -3.29
CA ALA A 448 -7.09 -24.46 -3.91
C ALA A 448 -5.88 -24.22 -2.99
N ASN A 449 -6.00 -24.62 -1.73
CA ASN A 449 -4.89 -24.55 -0.77
C ASN A 449 -4.27 -25.93 -0.50
N LEU A 450 -4.91 -27.00 -0.93
CA LEU A 450 -4.58 -28.35 -0.45
C LEU A 450 -3.62 -29.04 -1.39
N LEU A 451 -2.47 -28.44 -1.61
CA LEU A 451 -1.47 -29.11 -2.47
C LEU A 451 -1.08 -30.45 -1.84
N PRO A 452 -0.95 -31.51 -2.65
CA PRO A 452 -0.78 -32.85 -2.04
C PRO A 452 0.46 -33.06 -1.14
N ASP A 453 1.56 -32.34 -1.37
CA ASP A 453 2.79 -32.56 -0.58
C ASP A 453 2.93 -31.70 0.69
N LEU A 454 1.86 -31.02 1.10
CA LEU A 454 1.88 -30.29 2.36
C LEU A 454 1.51 -31.23 3.52
N PRO A 455 2.13 -31.05 4.70
CA PRO A 455 1.83 -31.91 5.84
C PRO A 455 0.43 -31.74 6.47
N GLY A 456 -0.17 -30.55 6.38
CA GLY A 456 -1.50 -30.37 6.92
C GLY A 456 -1.53 -29.70 8.28
N ASN A 457 -0.36 -29.62 8.94
CA ASN A 457 -0.26 -28.99 10.26
C ASN A 457 0.50 -27.67 10.26
N LEU A 458 0.78 -27.12 9.08
CA LEU A 458 1.48 -25.84 8.94
C LEU A 458 0.51 -24.82 8.40
N SER A 459 0.46 -23.65 9.02
CA SER A 459 -0.56 -22.66 8.78
C SER A 459 -0.19 -21.70 7.66
N GLY A 460 -1.22 -21.10 7.08
CA GLY A 460 -1.05 -19.97 6.16
C GLY A 460 -0.56 -20.26 4.75
N ILE A 461 -0.44 -21.52 4.35
CA ILE A 461 0.09 -21.87 3.03
C ILE A 461 -1.02 -21.69 2.00
N ASN A 462 -0.90 -20.65 1.19
CA ASN A 462 -2.06 -20.10 0.49
C ASN A 462 -1.87 -19.90 -1.02
N PRO A 463 -1.55 -21.00 -1.76
CA PRO A 463 -1.39 -20.85 -3.20
C PRO A 463 -2.65 -20.36 -3.92
N ASN A 464 -3.83 -20.56 -3.34
CA ASN A 464 -5.05 -20.02 -3.95
C ASN A 464 -4.87 -18.54 -4.36
N ARG A 465 -4.21 -17.79 -3.48
CA ARG A 465 -4.08 -16.37 -3.60
C ARG A 465 -2.84 -15.93 -4.35
N TYR A 466 -1.66 -16.45 -4.00
CA TYR A 466 -0.45 -15.97 -4.69
C TYR A 466 -0.26 -16.51 -6.11
N VAL A 467 -0.76 -17.71 -6.40
CA VAL A 467 -0.76 -18.18 -7.79
C VAL A 467 -1.69 -17.29 -8.63
N PHE A 468 -2.78 -16.83 -8.05
CA PHE A 468 -3.73 -15.99 -8.81
C PHE A 468 -3.16 -14.60 -9.08
N TYR A 469 -2.73 -13.88 -8.03
CA TYR A 469 -2.32 -12.48 -8.22
C TYR A 469 -0.86 -12.28 -8.74
N GLN A 470 -0.09 -13.36 -8.87
CA GLN A 470 1.27 -13.28 -9.38
C GLN A 470 1.28 -12.71 -10.79
N ASP A 471 2.32 -11.93 -11.10
CA ASP A 471 2.52 -11.37 -12.45
C ASP A 471 2.86 -12.47 -13.46
N ILE A 472 2.78 -12.16 -14.75
CA ILE A 472 3.17 -13.09 -15.80
C ILE A 472 4.66 -12.91 -16.17
N LEU A 473 5.01 -11.71 -16.61
CA LEU A 473 6.38 -11.43 -17.05
C LEU A 473 7.43 -11.51 -15.92
N CYS A 474 7.01 -11.11 -14.71
CA CYS A 474 7.87 -11.09 -13.55
C CYS A 474 7.33 -11.98 -12.43
N PRO A 475 7.35 -13.32 -12.62
CA PRO A 475 6.63 -14.18 -11.67
C PRO A 475 7.48 -14.49 -10.42
N ILE A 476 7.38 -13.60 -9.42
CA ILE A 476 8.25 -13.63 -8.25
C ILE A 476 7.98 -14.77 -7.26
N LEU A 477 6.89 -15.52 -7.44
CA LEU A 477 6.63 -16.71 -6.61
C LEU A 477 6.91 -17.99 -7.40
N ASP A 478 7.58 -17.89 -8.54
CA ASP A 478 7.69 -19.05 -9.43
C ASP A 478 8.43 -20.23 -8.77
N GLN A 479 9.38 -19.95 -7.87
CA GLN A 479 10.12 -21.05 -7.20
C GLN A 479 9.26 -21.83 -6.21
N HIS A 480 8.11 -21.28 -5.85
CA HIS A 480 7.18 -21.96 -4.97
C HIS A 480 6.17 -22.86 -5.71
N MET A 481 6.30 -22.93 -7.04
CA MET A 481 5.40 -23.74 -7.87
C MET A 481 5.99 -25.10 -8.22
N THR A 482 5.12 -26.09 -8.21
CA THR A 482 5.49 -27.45 -8.55
C THR A 482 4.50 -27.96 -9.61
N PRO A 483 4.69 -27.58 -10.87
CA PRO A 483 3.65 -27.79 -11.91
C PRO A 483 3.20 -29.25 -12.11
N GLU A 484 4.13 -30.20 -12.12
CA GLU A 484 3.80 -31.64 -12.24
C GLU A 484 2.75 -32.06 -11.21
N GLN A 485 2.84 -31.51 -10.01
CA GLN A 485 1.89 -31.80 -8.95
C GLN A 485 0.71 -30.82 -8.98
N ASP A 486 1.00 -29.54 -9.22
CA ASP A 486 0.01 -28.49 -8.96
C ASP A 486 -1.04 -28.42 -10.06
N LYS A 487 -0.60 -28.55 -11.30
CA LYS A 487 -1.49 -28.40 -12.44
C LYS A 487 -2.66 -29.43 -12.42
N PRO A 488 -2.36 -30.72 -12.23
CA PRO A 488 -3.46 -31.69 -12.13
C PRO A 488 -4.26 -31.58 -10.83
N HIS A 489 -3.62 -31.25 -9.71
CA HIS A 489 -4.37 -30.97 -8.49
C HIS A 489 -5.44 -29.89 -8.73
N PHE A 490 -5.03 -28.79 -9.30
CA PHE A 490 -5.95 -27.66 -9.55
C PHE A 490 -7.02 -28.03 -10.59
N ALA A 491 -6.59 -28.70 -11.67
CA ALA A 491 -7.49 -29.22 -12.72
C ALA A 491 -8.55 -30.18 -12.14
N GLN A 492 -8.13 -31.17 -11.36
CA GLN A 492 -9.08 -32.08 -10.71
C GLN A 492 -9.98 -31.31 -9.73
N ALA A 493 -9.43 -30.36 -8.99
CA ALA A 493 -10.24 -29.61 -8.02
C ALA A 493 -11.41 -28.90 -8.71
N ALA A 494 -11.15 -28.29 -9.87
CA ALA A 494 -12.20 -27.57 -10.59
C ALA A 494 -13.40 -28.50 -10.96
N GLU A 495 -13.10 -29.74 -11.37
CA GLU A 495 -14.12 -30.74 -11.64
C GLU A 495 -14.80 -31.21 -10.36
N THR A 496 -14.02 -31.50 -9.33
CA THR A 496 -14.62 -31.93 -8.07
C THR A 496 -15.62 -30.88 -7.61
N LEU A 497 -15.26 -29.60 -7.72
CA LEU A 497 -16.11 -28.49 -7.26
C LEU A 497 -17.34 -28.17 -8.14
N ALA A 498 -17.23 -28.36 -9.44
CA ALA A 498 -18.42 -28.21 -10.30
C ALA A 498 -19.45 -29.28 -9.89
N ASN A 499 -18.97 -30.48 -9.60
CA ASN A 499 -19.83 -31.59 -9.14
C ASN A 499 -20.51 -31.26 -7.83
N ILE A 500 -19.77 -30.65 -6.90
CA ILE A 500 -20.39 -30.28 -5.62
C ILE A 500 -21.36 -29.10 -5.78
N LYS A 501 -21.00 -28.13 -6.62
CA LYS A 501 -21.87 -27.01 -6.90
C LYS A 501 -23.27 -27.46 -7.33
N GLU A 502 -23.32 -28.49 -8.19
CA GLU A 502 -24.57 -28.98 -8.75
C GLU A 502 -25.47 -29.55 -7.67
N LYS A 503 -24.89 -30.04 -6.59
CA LYS A 503 -25.68 -30.54 -5.49
C LYS A 503 -25.70 -29.65 -4.27
N ALA A 504 -25.30 -28.37 -4.39
CA ALA A 504 -25.07 -27.56 -3.20
C ALA A 504 -26.21 -26.64 -2.85
N GLY A 505 -27.30 -26.69 -3.63
CA GLY A 505 -28.44 -25.82 -3.38
C GLY A 505 -28.09 -24.35 -3.32
N ASN A 506 -28.59 -23.65 -2.31
CA ASN A 506 -28.30 -22.24 -2.12
C ASN A 506 -26.85 -21.91 -1.74
N TYR A 507 -26.01 -22.93 -1.56
CA TYR A 507 -24.58 -22.75 -1.31
C TYR A 507 -23.76 -22.88 -2.61
N ALA A 508 -24.43 -23.18 -3.72
CA ALA A 508 -23.77 -23.38 -5.00
C ALA A 508 -22.76 -22.29 -5.35
N TYR A 509 -23.16 -21.03 -5.21
CA TYR A 509 -22.29 -19.90 -5.51
C TYR A 509 -20.86 -20.03 -4.96
N LEU A 510 -20.73 -20.57 -3.75
CA LEU A 510 -19.41 -20.73 -3.13
C LEU A 510 -18.51 -21.65 -3.92
N PHE A 511 -19.09 -22.72 -4.43
CA PHE A 511 -18.34 -23.77 -5.12
C PHE A 511 -18.08 -23.40 -6.57
N GLU A 512 -19.01 -22.69 -7.18
CA GLU A 512 -18.81 -22.21 -8.54
C GLU A 512 -17.63 -21.24 -8.58
N THR A 513 -17.58 -20.33 -7.60
CA THR A 513 -16.43 -19.43 -7.47
C THR A 513 -15.13 -20.20 -7.33
N GLN A 514 -15.08 -21.19 -6.44
CA GLN A 514 -13.83 -21.98 -6.26
C GLN A 514 -13.45 -22.87 -7.45
N ALA A 515 -14.45 -23.43 -8.14
CA ALA A 515 -14.17 -24.29 -9.30
C ALA A 515 -13.44 -23.47 -10.34
N GLN A 516 -13.97 -22.29 -10.62
CA GLN A 516 -13.40 -21.39 -11.63
C GLN A 516 -11.99 -20.95 -11.24
N LEU A 517 -11.79 -20.61 -9.97
CA LEU A 517 -10.47 -20.23 -9.49
C LEU A 517 -9.50 -21.37 -9.72
N ASN A 518 -9.85 -22.58 -9.28
CA ASN A 518 -9.01 -23.75 -9.53
C ASN A 518 -8.73 -23.98 -11.01
N ALA A 519 -9.72 -23.82 -11.88
CA ALA A 519 -9.47 -23.91 -13.34
C ALA A 519 -8.41 -22.92 -13.80
N ILE A 520 -8.47 -21.69 -13.31
CA ILE A 520 -7.47 -20.68 -13.66
C ILE A 520 -6.08 -21.10 -13.17
N LEU A 521 -5.99 -21.54 -11.91
CA LEU A 521 -4.69 -21.84 -11.31
C LEU A 521 -4.03 -23.03 -12.00
N SER A 522 -4.84 -23.93 -12.55
CA SER A 522 -4.32 -25.05 -13.32
C SER A 522 -3.31 -24.68 -14.41
N SER A 523 -3.60 -23.61 -15.14
CA SER A 523 -2.72 -23.18 -16.22
C SER A 523 -1.77 -22.05 -15.76
N LYS A 524 -2.27 -21.16 -14.91
CA LYS A 524 -1.53 -19.98 -14.51
C LYS A 524 -0.37 -20.33 -13.56
N VAL A 525 -0.49 -21.43 -12.83
CA VAL A 525 0.58 -21.84 -11.95
C VAL A 525 1.97 -21.87 -12.63
N ASP A 526 2.04 -22.17 -13.92
CA ASP A 526 3.33 -22.20 -14.60
C ASP A 526 3.40 -21.44 -15.94
N VAL A 527 2.40 -20.64 -16.27
CA VAL A 527 2.48 -19.95 -17.53
C VAL A 527 3.73 -19.04 -17.60
N GLY A 528 4.04 -18.36 -16.51
CA GLY A 528 5.23 -17.51 -16.49
C GLY A 528 6.51 -18.32 -16.71
N ARG A 529 6.58 -19.53 -16.16
CA ARG A 529 7.72 -20.45 -16.35
C ARG A 529 7.83 -20.93 -17.78
N ARG A 530 6.71 -21.29 -18.38
CA ARG A 530 6.72 -21.75 -19.77
C ARG A 530 7.09 -20.60 -20.72
N ILE A 531 6.73 -19.37 -20.36
CA ILE A 531 7.15 -18.26 -21.19
C ILE A 531 8.68 -18.16 -21.16
N ARG A 532 9.26 -18.28 -19.97
CA ARG A 532 10.72 -18.21 -19.81
C ARG A 532 11.47 -19.34 -20.52
N GLN A 533 10.92 -20.55 -20.45
CA GLN A 533 11.53 -21.73 -21.08
C GLN A 533 11.49 -21.58 -22.60
N ALA A 534 10.35 -21.11 -23.13
CA ALA A 534 10.22 -20.82 -24.56
C ALA A 534 11.16 -19.72 -24.99
N TYR A 535 11.28 -18.69 -24.17
CA TYR A 535 12.15 -17.58 -24.49
C TYR A 535 13.58 -18.02 -24.56
N GLN A 536 14.05 -18.72 -23.52
CA GLN A 536 15.38 -19.30 -23.49
C GLN A 536 15.61 -20.31 -24.63
N ALA A 537 14.62 -21.15 -24.95
CA ALA A 537 14.79 -22.17 -26.00
C ALA A 537 14.65 -21.58 -27.40
N ASP A 538 14.34 -20.29 -27.45
CA ASP A 538 14.05 -19.60 -28.68
C ASP A 538 12.90 -20.22 -29.46
N ASP A 539 11.94 -20.76 -28.73
CA ASP A 539 10.76 -21.36 -29.33
C ASP A 539 9.73 -20.25 -29.55
N LYS A 540 9.85 -19.60 -30.71
CA LYS A 540 9.00 -18.46 -31.02
C LYS A 540 7.57 -18.86 -31.31
N GLU A 541 7.37 -20.04 -31.89
CA GLU A 541 6.01 -20.53 -32.15
C GLU A 541 5.28 -20.64 -30.80
N SER A 542 5.96 -21.15 -29.80
CA SER A 542 5.36 -21.27 -28.49
C SER A 542 5.04 -19.91 -27.86
N LEU A 543 5.94 -18.94 -27.94
CA LEU A 543 5.65 -17.59 -27.40
C LEU A 543 4.42 -16.98 -28.08
N GLN A 544 4.33 -17.19 -29.38
CA GLN A 544 3.23 -16.68 -30.15
C GLN A 544 1.91 -17.30 -29.70
N GLN A 545 1.89 -18.62 -29.62
CA GLN A 545 0.77 -19.38 -29.05
C GLN A 545 0.33 -18.81 -27.70
N ILE A 546 1.28 -18.57 -26.80
CA ILE A 546 0.96 -18.10 -25.44
C ILE A 546 0.38 -16.70 -25.50
N ALA A 547 1.02 -15.86 -26.29
CA ALA A 547 0.64 -14.47 -26.43
C ALA A 547 -0.72 -14.29 -27.09
N ARG A 548 -1.00 -15.12 -28.08
CA ARG A 548 -2.19 -14.98 -28.92
C ARG A 548 -3.36 -15.88 -28.55
N GLN A 549 -3.11 -17.03 -27.92
CA GLN A 549 -4.21 -17.88 -27.52
C GLN A 549 -4.34 -18.00 -26.00
N GLU A 550 -3.27 -18.45 -25.32
CA GLU A 550 -3.38 -18.81 -23.91
C GLU A 550 -3.66 -17.60 -23.01
N LEU A 551 -2.93 -16.50 -23.19
CA LEU A 551 -3.10 -15.33 -22.31
C LEU A 551 -4.43 -14.61 -22.50
N PRO A 552 -4.85 -14.39 -23.75
CA PRO A 552 -6.21 -13.85 -23.92
C PRO A 552 -7.31 -14.74 -23.30
N GLU A 553 -7.14 -16.06 -23.39
CA GLU A 553 -8.08 -16.98 -22.71
C GLU A 553 -7.98 -16.91 -21.19
N LEU A 554 -6.76 -16.75 -20.69
CA LEU A 554 -6.55 -16.52 -19.29
C LEU A 554 -7.30 -15.28 -18.83
N ARG A 555 -7.24 -14.19 -19.58
CA ARG A 555 -8.04 -12.98 -19.24
C ARG A 555 -9.53 -13.24 -19.27
N SER A 556 -10.00 -14.01 -20.26
CA SER A 556 -11.42 -14.33 -20.35
C SER A 556 -11.85 -15.09 -19.10
N GLN A 557 -11.01 -16.03 -18.66
CA GLN A 557 -11.34 -16.83 -17.48
C GLN A 557 -11.32 -16.01 -16.19
N ILE A 558 -10.36 -15.08 -16.09
CA ILE A 558 -10.25 -14.21 -14.92
C ILE A 558 -11.44 -13.26 -14.85
N GLU A 559 -11.83 -12.71 -15.99
CA GLU A 559 -13.05 -11.92 -16.05
C GLU A 559 -14.26 -12.73 -15.57
N ASP A 560 -14.39 -13.98 -16.02
CA ASP A 560 -15.46 -14.87 -15.55
C ASP A 560 -15.38 -15.04 -14.05
N PHE A 561 -14.18 -15.27 -13.54
CA PHE A 561 -13.99 -15.43 -12.12
C PHE A 561 -14.40 -14.17 -11.36
N HIS A 562 -14.03 -13.01 -11.90
CA HIS A 562 -14.38 -11.72 -11.33
C HIS A 562 -15.89 -11.53 -11.26
N ALA A 563 -16.59 -12.01 -12.29
CA ALA A 563 -18.03 -11.94 -12.30
C ALA A 563 -18.59 -12.85 -11.20
N LEU A 564 -18.06 -14.05 -11.07
CA LEU A 564 -18.55 -14.95 -10.02
C LEU A 564 -18.24 -14.41 -8.62
N PHE A 565 -17.02 -13.88 -8.46
CA PHE A 565 -16.59 -13.29 -7.19
C PHE A 565 -17.52 -12.17 -6.80
N SER A 566 -17.76 -11.29 -7.76
CA SER A 566 -18.63 -10.15 -7.55
C SER A 566 -20.02 -10.59 -7.14
N HIS A 567 -20.56 -11.60 -7.80
CA HIS A 567 -21.88 -12.13 -7.43
C HIS A 567 -21.84 -12.62 -5.98
N GLN A 568 -20.83 -13.42 -5.66
CA GLN A 568 -20.62 -13.92 -4.30
C GLN A 568 -20.52 -12.79 -3.28
N TRP A 569 -19.73 -11.76 -3.61
CA TRP A 569 -19.51 -10.62 -2.72
C TRP A 569 -20.80 -9.87 -2.46
N LEU A 570 -21.52 -9.56 -3.54
CA LEU A 570 -22.76 -8.80 -3.42
C LEU A 570 -23.88 -9.58 -2.73
N LYS A 571 -23.82 -10.90 -2.78
CA LYS A 571 -24.74 -11.73 -2.00
C LYS A 571 -24.48 -11.63 -0.50
N GLU A 572 -23.20 -11.69 -0.11
CA GLU A 572 -22.84 -11.77 1.30
C GLU A 572 -22.64 -10.43 1.97
N ASN A 573 -22.06 -9.48 1.22
CA ASN A 573 -21.56 -8.23 1.78
C ASN A 573 -22.25 -6.97 1.20
N LYS A 574 -21.97 -5.82 1.79
CA LYS A 574 -22.30 -4.52 1.20
C LYS A 574 -21.42 -4.31 -0.01
N VAL A 575 -21.83 -3.40 -0.90
CA VAL A 575 -21.03 -3.14 -2.11
C VAL A 575 -19.64 -2.55 -1.78
N PHE A 576 -19.58 -1.78 -0.69
CA PHE A 576 -18.37 -1.05 -0.29
C PHE A 576 -17.23 -2.05 0.00
N GLY A 577 -16.01 -1.75 -0.49
CA GLY A 577 -14.86 -2.68 -0.37
C GLY A 577 -14.61 -3.60 -1.57
N LEU A 578 -15.63 -3.80 -2.39
CA LEU A 578 -15.47 -4.59 -3.64
C LEU A 578 -14.58 -3.82 -4.62
N ASP A 579 -14.60 -2.50 -4.48
CA ASP A 579 -13.74 -1.63 -5.30
C ASP A 579 -12.26 -2.04 -5.27
N THR A 580 -11.74 -2.40 -4.11
CA THR A 580 -10.36 -2.84 -4.01
C THR A 580 -10.12 -4.11 -4.85
N VAL A 581 -11.06 -5.06 -4.80
CA VAL A 581 -10.91 -6.23 -5.65
C VAL A 581 -10.98 -5.84 -7.14
N ASP A 582 -11.88 -4.92 -7.51
CA ASP A 582 -11.97 -4.44 -8.89
C ASP A 582 -10.59 -3.93 -9.30
N ILE A 583 -9.96 -3.12 -8.44
CA ILE A 583 -8.66 -2.55 -8.77
C ILE A 583 -7.62 -3.62 -8.91
N ARG A 584 -7.57 -4.56 -7.96
CA ARG A 584 -6.53 -5.59 -7.99
C ARG A 584 -6.63 -6.47 -9.24
N MET A 585 -7.85 -6.93 -9.53
CA MET A 585 -8.09 -7.80 -10.68
C MET A 585 -7.95 -7.06 -12.01
N GLY A 586 -8.36 -5.80 -12.08
CA GLY A 586 -8.10 -5.03 -13.30
C GLY A 586 -6.61 -4.87 -13.53
N GLY A 587 -5.85 -4.72 -12.45
CA GLY A 587 -4.40 -4.60 -12.57
C GLY A 587 -3.78 -5.89 -13.09
N LEU A 588 -4.27 -7.01 -12.58
CA LEU A 588 -3.79 -8.31 -13.04
C LEU A 588 -4.07 -8.42 -14.55
N LEU A 589 -5.30 -8.11 -14.94
CA LEU A 589 -5.67 -8.20 -16.33
C LEU A 589 -4.78 -7.33 -17.21
N GLN A 590 -4.44 -6.12 -16.74
CA GLN A 590 -3.62 -5.22 -17.54
C GLN A 590 -2.17 -5.70 -17.65
N ARG A 591 -1.70 -6.39 -16.61
CA ARG A 591 -0.38 -6.97 -16.60
C ARG A 591 -0.32 -8.19 -17.53
N ILE A 592 -1.41 -8.93 -17.65
CA ILE A 592 -1.44 -10.02 -18.64
C ILE A 592 -1.38 -9.44 -20.06
N LYS A 593 -2.12 -8.34 -20.31
CA LYS A 593 -2.05 -7.66 -21.58
C LYS A 593 -0.63 -7.17 -21.87
N ARG A 594 0.08 -6.72 -20.84
CA ARG A 594 1.48 -6.33 -21.01
C ARG A 594 2.32 -7.50 -21.46
N ALA A 595 2.09 -8.66 -20.89
CA ALA A 595 2.86 -9.83 -21.29
C ALA A 595 2.60 -10.16 -22.76
N GLU A 596 1.35 -10.04 -23.19
CA GLU A 596 1.00 -10.22 -24.60
C GLU A 596 1.72 -9.21 -25.48
N SER A 597 1.68 -7.93 -25.12
CA SER A 597 2.24 -6.87 -25.97
C SER A 597 3.78 -6.91 -26.01
N ARG A 598 4.42 -7.24 -24.88
CA ARG A 598 5.88 -7.28 -24.84
C ARG A 598 6.39 -8.45 -25.68
N ILE A 599 5.71 -9.59 -25.57
CA ILE A 599 6.01 -10.73 -26.42
C ILE A 599 5.85 -10.35 -27.90
N GLU A 600 4.74 -9.70 -28.26
CA GLU A 600 4.52 -9.30 -29.68
C GLU A 600 5.62 -8.41 -30.21
N VAL A 601 6.05 -7.41 -29.42
CA VAL A 601 7.12 -6.48 -29.86
C VAL A 601 8.38 -7.28 -30.13
N TYR A 602 8.68 -8.21 -29.25
CA TYR A 602 9.84 -9.08 -29.42
C TYR A 602 9.70 -9.94 -30.69
N LEU A 603 8.56 -10.61 -30.84
CA LEU A 603 8.34 -11.44 -32.01
C LEU A 603 8.49 -10.63 -33.29
N ALA A 604 8.06 -9.37 -33.28
CA ALA A 604 8.14 -8.51 -34.47
C ALA A 604 9.55 -7.99 -34.77
N GLY A 605 10.55 -8.41 -33.99
CA GLY A 605 11.93 -7.99 -34.21
C GLY A 605 12.26 -6.61 -33.67
N GLN A 606 11.38 -6.01 -32.88
CA GLN A 606 11.61 -4.64 -32.41
C GLN A 606 12.09 -4.56 -30.96
N LEU A 607 12.55 -5.70 -30.44
CA LEU A 607 13.30 -5.75 -29.19
C LEU A 607 14.38 -6.79 -29.35
N ASP A 608 15.58 -6.48 -28.88
CA ASP A 608 16.68 -7.42 -28.86
C ASP A 608 16.38 -8.51 -27.83
N ARG A 609 15.80 -8.08 -26.71
CA ARG A 609 15.62 -8.92 -25.54
C ARG A 609 14.37 -8.46 -24.82
N ILE A 610 13.81 -9.34 -23.99
CA ILE A 610 12.74 -8.99 -23.09
C ILE A 610 13.39 -9.02 -21.71
N ASP A 611 13.78 -7.84 -21.22
CA ASP A 611 14.58 -7.75 -19.97
C ASP A 611 13.92 -8.43 -18.77
N GLU A 612 12.59 -8.35 -18.69
CA GLU A 612 11.85 -8.97 -17.62
C GLU A 612 12.28 -10.43 -17.48
N LEU A 613 12.42 -11.09 -18.63
CA LEU A 613 12.70 -12.52 -18.66
C LEU A 613 14.19 -12.81 -18.44
N GLU A 614 15.05 -11.79 -18.51
CA GLU A 614 16.49 -11.99 -18.24
C GLU A 614 16.80 -12.01 -16.75
N VAL A 615 15.81 -11.79 -15.88
CA VAL A 615 16.03 -11.78 -14.44
C VAL A 615 15.82 -13.17 -13.86
N GLU A 616 16.78 -13.68 -13.08
CA GLU A 616 16.61 -15.00 -12.45
C GLU A 616 15.71 -14.84 -11.21
N ILE A 617 14.77 -15.76 -11.08
CA ILE A 617 13.81 -15.74 -9.98
C ILE A 617 14.46 -16.30 -8.72
N LEU A 618 14.24 -15.61 -7.61
CA LEU A 618 14.72 -16.00 -6.28
C LEU A 618 13.56 -16.54 -5.50
N PRO A 619 13.83 -17.23 -4.39
CA PRO A 619 12.73 -17.50 -3.49
C PRO A 619 12.00 -16.20 -3.12
N PHE A 620 10.66 -16.24 -3.09
CA PHE A 620 9.87 -15.14 -2.57
C PHE A 620 10.13 -14.88 -1.10
N THR A 621 10.05 -15.95 -0.30
CA THR A 621 10.33 -15.89 1.13
C THR A 621 10.96 -17.19 1.57
N ASP A 622 11.69 -17.13 2.67
CA ASP A 622 12.32 -18.36 3.21
C ASP A 622 11.52 -18.95 4.37
N PHE A 623 10.30 -18.47 4.59
CA PHE A 623 9.54 -18.89 5.76
C PHE A 623 9.37 -20.43 5.86
N TYR A 624 9.28 -21.12 4.73
CA TYR A 624 9.13 -22.59 4.76
C TYR A 624 10.25 -23.22 3.91
N ALA A 625 11.39 -22.54 3.88
CA ALA A 625 12.51 -22.88 3.02
C ALA A 625 13.15 -24.21 3.34
N ASP A 626 13.03 -24.68 4.58
CA ASP A 626 13.70 -25.91 4.96
C ASP A 626 12.79 -27.16 4.82
N LYS A 627 11.56 -26.97 4.35
CA LYS A 627 10.63 -28.07 4.19
C LYS A 627 10.85 -28.76 2.85
N ASP A 628 10.33 -29.97 2.70
CA ASP A 628 10.49 -30.68 1.42
C ASP A 628 9.65 -30.06 0.29
N PHE A 629 8.48 -29.53 0.65
CA PHE A 629 7.60 -28.87 -0.32
C PHE A 629 8.05 -27.47 -0.73
N ALA A 630 7.52 -27.01 -1.86
CA ALA A 630 7.94 -25.73 -2.43
C ALA A 630 6.97 -24.58 -2.12
N ALA A 631 5.71 -24.88 -1.80
CA ALA A 631 4.71 -23.81 -1.60
C ALA A 631 5.06 -22.98 -0.39
N THR A 632 4.35 -21.89 -0.19
CA THR A 632 4.66 -20.99 0.92
C THR A 632 3.47 -20.17 1.35
N THR A 633 3.72 -19.21 2.23
CA THR A 633 2.72 -18.24 2.67
C THR A 633 3.05 -16.86 2.13
N ALA A 634 2.11 -16.26 1.40
CA ALA A 634 2.27 -14.90 0.89
C ALA A 634 0.88 -14.33 0.89
N ASN A 635 0.62 -13.36 1.77
CA ASN A 635 -0.73 -12.91 2.02
C ASN A 635 -0.87 -11.40 2.03
N GLN A 636 -0.09 -10.72 1.19
CA GLN A 636 -0.23 -9.30 0.96
C GLN A 636 -0.31 -9.06 -0.55
N TRP A 637 -1.49 -8.62 -1.02
CA TRP A 637 -1.69 -8.39 -2.45
C TRP A 637 -0.51 -7.59 -3.08
N HIS A 638 -0.14 -6.49 -2.45
CA HIS A 638 0.78 -5.54 -3.07
C HIS A 638 2.20 -6.08 -3.24
N THR A 639 2.58 -7.05 -2.43
CA THR A 639 3.88 -7.73 -2.60
C THR A 639 3.79 -8.97 -3.48
N ILE A 640 2.60 -9.59 -3.55
CA ILE A 640 2.38 -10.66 -4.54
C ILE A 640 2.49 -10.14 -5.98
N ALA A 641 1.85 -9.00 -6.24
CA ALA A 641 1.64 -8.50 -7.62
C ALA A 641 2.85 -7.82 -8.27
N THR A 642 3.75 -7.26 -7.49
CA THR A 642 4.89 -6.49 -8.04
C THR A 642 6.03 -6.37 -7.08
N ALA A 643 7.24 -6.30 -7.62
CA ALA A 643 8.45 -6.04 -6.81
C ALA A 643 8.78 -4.55 -6.78
N SER A 644 8.04 -3.77 -7.56
CA SER A 644 8.17 -2.33 -7.59
C SER A 644 7.52 -1.72 -6.35
N THR A 645 7.69 -0.41 -6.19
CA THR A 645 6.92 0.30 -5.17
C THR A 645 5.51 0.52 -5.69
N ILE A 646 4.57 0.56 -4.78
CA ILE A 646 3.18 0.80 -5.16
C ILE A 646 2.39 1.61 -4.12
N TYR A 647 2.58 1.39 -2.81
CA TYR A 647 1.95 2.30 -1.81
C TYR A 647 2.90 3.33 -1.25
N THR A 648 4.22 3.07 -1.22
CA THR A 648 5.17 3.99 -0.64
C THR A 648 5.44 5.22 -1.52
N THR A 649 6.00 6.25 -0.90
CA THR A 649 6.37 7.51 -1.56
C THR A 649 7.81 7.43 -2.09
N VAL B 25 31.12 25.71 -39.37
CA VAL B 25 31.87 26.39 -38.27
C VAL B 25 33.30 25.85 -38.19
N ARG B 26 34.24 26.74 -37.91
CA ARG B 26 35.66 26.40 -37.74
C ARG B 26 36.15 26.94 -36.38
N PHE B 27 36.78 26.07 -35.59
CA PHE B 27 37.34 26.45 -34.29
C PHE B 27 38.87 26.38 -34.32
N THR B 28 39.53 27.29 -33.58
CA THR B 28 40.94 27.09 -33.24
C THR B 28 41.09 26.98 -31.72
N GLY B 29 42.11 26.25 -31.28
CA GLY B 29 42.42 26.13 -29.85
C GLY B 29 41.81 24.94 -29.12
N LEU B 30 41.10 24.09 -29.84
CA LEU B 30 40.44 22.94 -29.22
C LEU B 30 41.34 21.72 -29.09
N SER B 31 41.12 20.97 -28.01
CA SER B 31 41.68 19.64 -27.86
C SER B 31 40.85 18.67 -28.67
N LEU B 32 41.38 17.45 -28.85
CA LEU B 32 40.62 16.37 -29.46
C LEU B 32 39.34 16.06 -28.69
N LYS B 33 39.47 15.95 -27.38
CA LYS B 33 38.31 15.69 -26.53
C LYS B 33 37.21 16.76 -26.76
N GLN B 34 37.61 18.02 -26.88
CA GLN B 34 36.63 19.11 -27.09
C GLN B 34 35.95 19.04 -28.47
N THR B 35 36.72 18.75 -29.51
CA THR B 35 36.16 18.66 -30.88
C THR B 35 35.20 17.47 -30.98
N GLN B 36 35.51 16.37 -30.32
CA GLN B 36 34.59 15.22 -30.20
C GLN B 36 33.27 15.58 -29.49
N ALA B 37 33.34 16.33 -28.40
CA ALA B 37 32.15 16.71 -27.64
C ALA B 37 31.23 17.66 -28.45
N ILE B 38 31.85 18.55 -29.21
CA ILE B 38 31.14 19.49 -30.06
C ILE B 38 30.41 18.78 -31.21
N GLU B 39 31.03 17.74 -31.78
CA GLU B 39 30.33 16.90 -32.73
C GLU B 39 29.02 16.37 -32.15
N VAL B 40 29.07 15.79 -30.96
CA VAL B 40 27.87 15.24 -30.34
C VAL B 40 26.84 16.35 -30.18
N LEU B 41 27.27 17.49 -29.67
CA LEU B 41 26.34 18.56 -29.39
C LEU B 41 25.73 19.25 -30.62
N LYS B 42 26.31 19.04 -31.81
CA LYS B 42 25.64 19.50 -33.03
C LYS B 42 24.28 18.81 -33.23
N GLY B 43 24.09 17.65 -32.61
CA GLY B 43 22.78 17.01 -32.57
C GLY B 43 21.69 17.82 -31.88
N HIS B 44 22.07 18.78 -31.05
CA HIS B 44 21.10 19.67 -30.38
C HIS B 44 21.12 21.10 -30.87
N ILE B 45 22.31 21.62 -31.17
CA ILE B 45 22.43 23.04 -31.56
C ILE B 45 22.98 23.23 -32.97
N SER B 46 22.61 24.36 -33.59
CA SER B 46 23.07 24.73 -34.93
C SER B 46 24.16 25.80 -34.81
N LEU B 47 25.41 25.41 -35.03
CA LEU B 47 26.51 26.37 -34.99
C LEU B 47 26.54 27.09 -36.34
N PRO B 48 26.57 28.43 -36.31
CA PRO B 48 26.64 29.13 -37.60
C PRO B 48 28.02 29.01 -38.24
N ASP B 49 28.11 29.30 -39.54
CA ASP B 49 29.32 29.08 -40.36
C ASP B 49 30.32 30.21 -40.10
N VAL B 50 30.94 30.15 -38.92
CA VAL B 50 31.73 31.24 -38.34
C VAL B 50 33.06 30.70 -37.75
N GLU B 51 34.00 31.61 -37.47
CA GLU B 51 35.33 31.25 -36.97
C GLU B 51 35.49 31.66 -35.49
N VAL B 52 35.76 30.68 -34.64
CA VAL B 52 35.84 30.90 -33.18
C VAL B 52 37.18 30.48 -32.60
N ALA B 53 37.85 31.42 -31.93
CA ALA B 53 39.11 31.12 -31.24
C ALA B 53 38.81 30.82 -29.77
N VAL B 54 39.23 29.64 -29.32
CA VAL B 54 38.91 29.13 -27.98
C VAL B 54 40.14 29.00 -27.09
N THR B 55 40.06 29.58 -25.90
CA THR B 55 41.09 29.40 -24.88
C THR B 55 40.53 29.38 -23.47
N GLN B 56 41.17 28.63 -22.59
CA GLN B 56 40.88 28.67 -21.20
C GLN B 56 41.33 30.02 -20.67
N SER B 57 40.54 30.58 -19.76
CA SER B 57 40.97 31.76 -19.03
C SER B 57 40.21 31.91 -17.73
N ASP B 58 40.89 32.44 -16.71
CA ASP B 58 40.31 32.62 -15.38
C ASP B 58 39.58 33.91 -15.27
N GLN B 59 39.64 34.73 -16.32
CA GLN B 59 39.05 36.04 -16.25
C GLN B 59 37.53 35.99 -16.04
N ALA B 60 36.85 35.03 -16.65
CA ALA B 60 35.40 34.87 -16.46
C ALA B 60 35.00 33.40 -16.58
N SER B 61 33.84 33.06 -16.00
CA SER B 61 33.28 31.73 -16.18
C SER B 61 33.21 31.52 -17.69
N ILE B 62 32.54 32.45 -18.37
CA ILE B 62 32.45 32.45 -19.83
C ILE B 62 32.65 33.87 -20.32
N SER B 63 33.45 34.01 -21.39
CA SER B 63 33.57 35.28 -22.10
C SER B 63 33.51 35.06 -23.60
N ILE B 64 32.84 35.96 -24.30
CA ILE B 64 32.73 35.93 -25.77
C ILE B 64 32.74 37.35 -26.34
N GLU B 65 33.72 37.61 -27.21
CA GLU B 65 33.82 38.88 -27.92
C GLU B 65 34.03 38.61 -29.40
N GLY B 66 33.84 39.65 -30.23
CA GLY B 66 34.11 39.53 -31.66
C GLY B 66 33.02 40.13 -32.54
N GLU B 67 33.20 39.98 -33.85
CA GLU B 67 32.26 40.54 -34.82
C GLU B 67 32.66 40.12 -36.23
N GLU B 68 31.84 40.51 -37.20
CA GLU B 68 32.11 40.25 -38.62
C GLU B 68 32.64 38.84 -38.85
N GLY B 69 32.05 37.86 -38.15
CA GLY B 69 32.33 36.45 -38.40
C GLY B 69 33.53 35.88 -37.65
N HIS B 70 34.16 36.69 -36.81
CA HIS B 70 35.35 36.27 -36.09
C HIS B 70 35.12 36.51 -34.60
N TYR B 71 35.25 35.46 -33.78
CA TYR B 71 34.91 35.55 -32.36
C TYR B 71 35.95 34.90 -31.46
N GLN B 72 36.09 35.48 -30.26
CA GLN B 72 36.98 34.99 -29.21
C GLN B 72 36.16 34.52 -28.00
N LEU B 73 36.29 33.23 -27.66
CA LEU B 73 35.50 32.60 -26.60
C LEU B 73 36.41 32.02 -25.54
N THR B 74 36.30 32.51 -24.31
CA THR B 74 37.01 31.90 -23.19
C THR B 74 36.08 31.21 -22.18
N TYR B 75 36.62 30.22 -21.50
CA TYR B 75 35.92 29.52 -20.42
C TYR B 75 36.88 29.35 -19.25
N ARG B 76 36.36 29.34 -18.03
CA ARG B 76 37.18 29.08 -16.84
C ARG B 76 37.38 27.60 -16.61
N LYS B 77 36.28 26.84 -16.64
CA LYS B 77 36.29 25.41 -16.35
C LYS B 77 35.89 24.71 -17.63
N PRO B 78 36.53 23.57 -17.97
CA PRO B 78 36.30 22.97 -19.28
C PRO B 78 34.85 22.75 -19.68
N HIS B 79 33.99 22.32 -18.76
CA HIS B 79 32.61 22.01 -19.12
C HIS B 79 31.87 23.25 -19.59
N GLN B 80 32.32 24.43 -19.16
CA GLN B 80 31.69 25.69 -19.47
C GLN B 80 31.82 26.11 -20.94
N LEU B 81 32.68 25.44 -21.69
CA LEU B 81 32.76 25.62 -23.15
C LEU B 81 31.40 25.38 -23.78
N TYR B 82 30.67 24.40 -23.25
CA TYR B 82 29.47 23.92 -23.89
C TYR B 82 28.30 24.90 -23.67
N ARG B 83 28.14 25.44 -22.47
CA ARG B 83 27.25 26.59 -22.29
C ARG B 83 27.67 27.78 -23.19
N ALA B 84 28.96 28.04 -23.30
CA ALA B 84 29.42 29.17 -24.10
C ALA B 84 28.96 29.02 -25.54
N LEU B 85 29.04 27.82 -26.08
CA LEU B 85 28.58 27.55 -27.42
C LEU B 85 27.09 27.75 -27.57
N SER B 86 26.29 27.28 -26.61
CA SER B 86 24.85 27.59 -26.60
C SER B 86 24.60 29.11 -26.62
N LEU B 87 25.39 29.83 -25.82
CA LEU B 87 25.31 31.31 -25.79
C LEU B 87 25.65 31.96 -27.14
N LEU B 88 26.70 31.45 -27.78
CA LEU B 88 27.16 31.99 -29.05
C LEU B 88 26.11 31.84 -30.14
N VAL B 89 25.56 30.64 -30.27
CA VAL B 89 24.53 30.39 -31.26
C VAL B 89 23.38 31.37 -31.03
N THR B 90 22.93 31.47 -29.78
CA THR B 90 21.78 32.29 -29.44
C THR B 90 21.97 33.75 -29.86
N VAL B 91 23.04 34.38 -29.36
CA VAL B 91 23.30 35.80 -29.61
C VAL B 91 23.56 36.12 -31.08
N LEU B 92 24.21 35.19 -31.79
CA LEU B 92 24.52 35.39 -33.20
C LEU B 92 23.26 35.37 -34.06
N ALA B 93 22.17 34.78 -33.56
CA ALA B 93 20.93 34.72 -34.32
C ALA B 93 20.21 36.09 -34.43
N GLU B 94 20.67 37.08 -33.67
CA GLU B 94 20.16 38.45 -33.82
C GLU B 94 21.21 39.54 -33.63
N ALA B 95 22.50 39.21 -33.79
CA ALA B 95 23.55 40.22 -33.82
C ALA B 95 24.87 39.69 -34.37
N ASP B 96 25.59 40.56 -35.06
CA ASP B 96 26.92 40.27 -35.57
C ASP B 96 27.97 40.46 -34.46
N LYS B 97 27.80 41.51 -33.67
CA LYS B 97 28.71 41.88 -32.58
C LYS B 97 28.28 41.19 -31.28
N VAL B 98 29.27 40.71 -30.53
CA VAL B 98 29.02 39.93 -29.31
C VAL B 98 29.83 40.48 -28.15
N GLU B 99 29.16 40.67 -27.01
CA GLU B 99 29.82 41.10 -25.78
C GLU B 99 29.24 40.35 -24.59
N ILE B 100 29.76 39.15 -24.38
CA ILE B 100 29.26 38.28 -23.32
C ILE B 100 30.32 38.06 -22.25
N GLU B 101 29.89 38.19 -20.99
CA GLU B 101 30.72 37.84 -19.85
C GLU B 101 29.88 37.35 -18.69
N GLU B 102 30.08 36.09 -18.32
CA GLU B 102 29.37 35.48 -17.21
C GLU B 102 30.33 35.08 -16.09
N GLN B 103 29.88 35.32 -14.86
CA GLN B 103 30.55 34.90 -13.65
C GLN B 103 29.58 34.09 -12.81
N ALA B 104 29.73 32.76 -12.86
CA ALA B 104 28.82 31.86 -12.13
C ALA B 104 28.94 32.07 -10.63
N ALA B 105 27.81 32.03 -9.93
CA ALA B 105 27.81 32.20 -8.48
C ALA B 105 28.18 30.90 -7.76
N TYR B 106 27.92 29.75 -8.39
CA TYR B 106 28.11 28.45 -7.75
C TYR B 106 29.29 27.71 -8.38
N GLU B 107 30.13 27.19 -7.52
CA GLU B 107 31.27 26.37 -7.90
C GLU B 107 30.79 25.13 -8.62
N ASP B 108 29.66 24.59 -8.18
CA ASP B 108 29.06 23.43 -8.82
C ASP B 108 27.56 23.56 -8.89
N LEU B 109 27.01 23.21 -10.04
CA LEU B 109 25.58 23.15 -10.24
C LEU B 109 25.31 21.73 -10.74
N ALA B 110 24.43 21.02 -10.02
CA ALA B 110 24.15 19.62 -10.30
C ALA B 110 22.67 19.41 -10.51
N TYR B 111 22.37 18.41 -11.30
CA TYR B 111 21.04 17.87 -11.40
C TYR B 111 21.04 16.40 -11.00
N MET B 112 20.15 16.07 -10.05
CA MET B 112 19.97 14.73 -9.55
C MET B 112 18.63 14.15 -9.99
N VAL B 113 18.71 13.04 -10.72
CA VAL B 113 17.56 12.29 -11.22
C VAL B 113 17.14 11.22 -10.20
N ASP B 114 15.86 11.15 -9.91
CA ASP B 114 15.34 10.05 -9.09
C ASP B 114 15.28 8.79 -9.93
N CYS B 115 16.07 7.78 -9.57
CA CYS B 115 15.96 6.46 -10.18
C CYS B 115 15.45 5.39 -9.21
N SER B 116 14.71 5.82 -8.19
CA SER B 116 14.29 4.92 -7.12
C SER B 116 12.80 4.82 -6.95
N ARG B 117 12.03 5.62 -7.69
CA ARG B 117 10.60 5.68 -7.49
C ARG B 117 9.86 4.86 -8.53
N ASN B 118 10.59 3.92 -9.13
CA ASN B 118 10.15 2.94 -10.15
C ASN B 118 10.74 3.24 -11.51
N ALA B 119 10.96 4.52 -11.78
CA ALA B 119 11.50 4.95 -13.06
C ALA B 119 13.00 5.04 -12.98
N VAL B 120 13.68 4.10 -13.64
CA VAL B 120 15.14 4.11 -13.73
C VAL B 120 15.54 4.61 -15.10
N LEU B 121 16.14 5.80 -15.15
CA LEU B 121 16.60 6.40 -16.37
C LEU B 121 17.50 5.43 -17.14
N ASN B 122 17.07 5.10 -18.36
CA ASN B 122 17.86 4.20 -19.21
C ASN B 122 19.12 4.93 -19.69
N VAL B 123 20.11 4.13 -20.05
CA VAL B 123 21.44 4.65 -20.37
C VAL B 123 21.34 5.63 -21.52
N ALA B 124 20.64 5.27 -22.57
CA ALA B 124 20.47 6.20 -23.70
C ALA B 124 19.91 7.57 -23.25
N SER B 125 18.93 7.58 -22.35
CA SER B 125 18.42 8.87 -21.87
C SER B 125 19.42 9.61 -20.96
N ALA B 126 20.22 8.86 -20.19
CA ALA B 126 21.26 9.46 -19.36
C ALA B 126 22.21 10.28 -20.22
N LYS B 127 22.62 9.69 -21.34
CA LYS B 127 23.47 10.38 -22.31
C LYS B 127 22.81 11.64 -22.88
N GLN B 128 21.53 11.57 -23.25
CA GLN B 128 20.84 12.79 -23.72
C GLN B 128 20.75 13.86 -22.64
N MET B 129 20.44 13.42 -21.41
CA MET B 129 20.37 14.34 -20.28
C MET B 129 21.72 15.03 -20.05
N ILE B 130 22.79 14.25 -20.07
CA ILE B 130 24.15 14.79 -19.88
C ILE B 130 24.47 15.85 -20.93
N GLU B 131 24.12 15.55 -22.19
CA GLU B 131 24.35 16.49 -23.29
C GLU B 131 23.64 17.80 -23.06
N ILE B 132 22.39 17.74 -22.62
CA ILE B 132 21.59 18.96 -22.39
C ILE B 132 22.11 19.76 -21.18
N LEU B 133 22.38 19.03 -20.09
CA LEU B 133 23.04 19.61 -18.89
C LEU B 133 24.38 20.33 -19.23
N ALA B 134 25.17 19.72 -20.11
CA ALA B 134 26.40 20.33 -20.62
C ALA B 134 26.12 21.68 -21.30
N LEU B 135 25.11 21.71 -22.15
CA LEU B 135 24.76 22.93 -22.87
C LEU B 135 24.23 24.01 -21.95
N MET B 136 23.60 23.61 -20.85
CA MET B 136 22.98 24.56 -19.90
C MET B 136 23.94 25.21 -18.95
N GLY B 137 25.05 24.54 -18.63
CA GLY B 137 26.03 25.06 -17.67
C GLY B 137 26.27 24.22 -16.42
N TYR B 138 25.64 23.04 -16.33
CA TYR B 138 25.85 22.13 -15.20
C TYR B 138 27.23 21.47 -15.17
N SER B 139 27.83 21.48 -13.97
CA SER B 139 29.10 20.82 -13.74
C SER B 139 28.92 19.34 -13.38
N THR B 140 27.73 18.97 -12.92
CA THR B 140 27.55 17.68 -12.27
C THR B 140 26.20 17.04 -12.54
N PHE B 141 26.24 15.72 -12.76
CA PHE B 141 25.11 14.84 -12.95
C PHE B 141 25.07 13.78 -11.84
N GLU B 142 23.88 13.57 -11.26
CA GLU B 142 23.70 12.65 -10.13
C GLU B 142 22.46 11.78 -10.36
N LEU B 143 22.54 10.54 -9.86
CA LEU B 143 21.42 9.61 -9.91
C LEU B 143 21.09 9.19 -8.49
N TYR B 144 19.81 9.27 -8.12
CA TYR B 144 19.40 8.86 -6.76
C TYR B 144 18.91 7.41 -6.77
N MET B 145 19.67 6.54 -6.11
CA MET B 145 19.51 5.11 -6.17
C MET B 145 19.48 4.56 -4.74
N GLU B 146 18.27 4.26 -4.28
CA GLU B 146 18.09 3.61 -2.97
C GLU B 146 18.59 2.19 -3.07
N ASP B 147 17.91 1.37 -3.86
CA ASP B 147 18.25 -0.05 -4.00
C ASP B 147 18.52 -0.37 -5.47
N THR B 148 18.58 0.66 -6.31
CA THR B 148 18.63 0.47 -7.76
C THR B 148 20.07 0.53 -8.31
N TYR B 149 21.00 -0.04 -7.55
CA TYR B 149 22.33 -0.37 -8.09
C TYR B 149 22.73 -1.74 -7.53
N GLN B 150 23.39 -2.51 -8.37
CA GLN B 150 23.76 -3.87 -8.01
C GLN B 150 24.90 -3.96 -7.00
N ILE B 151 24.70 -4.82 -6.00
CA ILE B 151 25.70 -5.13 -4.97
C ILE B 151 26.00 -6.62 -4.95
N GLU B 152 27.25 -6.95 -5.19
CA GLU B 152 27.68 -8.36 -5.28
C GLU B 152 27.35 -9.07 -3.98
N GLY B 153 26.72 -10.24 -4.06
CA GLY B 153 26.32 -10.97 -2.87
C GLY B 153 25.08 -10.43 -2.17
N GLN B 154 24.33 -9.51 -2.80
CA GLN B 154 23.08 -9.05 -2.23
C GLN B 154 21.99 -9.19 -3.29
N PRO B 155 21.57 -10.45 -3.55
CA PRO B 155 20.71 -10.66 -4.70
C PRO B 155 19.32 -9.99 -4.59
N TYR B 156 18.86 -9.69 -3.39
CA TYR B 156 17.54 -9.05 -3.25
C TYR B 156 17.55 -7.51 -3.39
N PHE B 157 18.76 -6.95 -3.36
CA PHE B 157 18.95 -5.50 -3.41
C PHE B 157 18.86 -5.06 -4.87
N GLY B 158 17.72 -4.46 -5.24
CA GLY B 158 17.47 -4.07 -6.62
C GLY B 158 16.78 -5.14 -7.47
N TYR B 159 16.33 -6.21 -6.82
CA TYR B 159 15.71 -7.38 -7.51
C TYR B 159 14.38 -6.99 -8.20
N PHE B 160 14.37 -7.20 -9.52
CA PHE B 160 13.25 -6.84 -10.42
C PHE B 160 12.92 -5.35 -10.43
N ARG B 161 13.94 -4.53 -10.13
CA ARG B 161 13.82 -3.07 -10.09
C ARG B 161 14.60 -2.37 -11.20
N GLY B 162 15.30 -3.15 -12.01
CA GLY B 162 16.17 -2.56 -13.03
C GLY B 162 17.39 -1.88 -12.43
N ALA B 163 17.99 -2.50 -11.41
CA ALA B 163 19.17 -1.92 -10.75
C ALA B 163 20.29 -1.80 -11.75
N TYR B 164 20.97 -0.65 -11.78
CA TYR B 164 22.11 -0.45 -12.65
C TYR B 164 23.24 -1.40 -12.30
N SER B 165 23.84 -2.01 -13.32
CA SER B 165 25.04 -2.78 -13.13
C SER B 165 26.17 -1.77 -12.95
N ALA B 166 27.32 -2.23 -12.45
CA ALA B 166 28.51 -1.37 -12.36
C ALA B 166 28.94 -0.84 -13.71
N GLU B 167 28.85 -1.70 -14.73
CA GLU B 167 29.18 -1.38 -16.12
C GLU B 167 28.32 -0.27 -16.66
N GLU B 168 27.01 -0.29 -16.36
CA GLU B 168 26.12 0.79 -16.75
C GLU B 168 26.48 2.10 -16.04
N LEU B 169 26.74 2.04 -14.73
CA LEU B 169 27.11 3.25 -13.99
C LEU B 169 28.44 3.79 -14.50
N GLN B 170 29.37 2.88 -14.80
CA GLN B 170 30.66 3.29 -15.41
C GLN B 170 30.45 3.94 -16.77
N GLU B 171 29.49 3.43 -17.53
CA GLU B 171 29.23 3.96 -18.85
C GLU B 171 28.62 5.36 -18.77
N ILE B 172 27.65 5.54 -17.89
CA ILE B 172 27.05 6.84 -17.72
C ILE B 172 28.11 7.85 -17.28
N GLU B 173 28.94 7.46 -16.31
CA GLU B 173 29.99 8.33 -15.83
C GLU B 173 31.00 8.74 -16.91
N ALA B 174 31.51 7.78 -17.66
CA ALA B 174 32.51 8.08 -18.72
C ALA B 174 31.89 8.97 -19.77
N TYR B 175 30.61 8.77 -20.06
CA TYR B 175 29.96 9.64 -21.00
C TYR B 175 29.91 11.08 -20.45
N ALA B 176 29.58 11.23 -19.18
CA ALA B 176 29.61 12.57 -18.58
C ALA B 176 31.03 13.16 -18.65
N GLN B 177 32.03 12.32 -18.39
CA GLN B 177 33.43 12.78 -18.47
C GLN B 177 33.77 13.31 -19.86
N GLN B 178 33.11 12.83 -20.91
CA GLN B 178 33.39 13.33 -22.27
C GLN B 178 33.16 14.83 -22.32
N PHE B 179 32.26 15.32 -21.48
CA PHE B 179 31.89 16.75 -21.42
C PHE B 179 32.45 17.50 -20.23
N ASP B 180 33.36 16.83 -19.52
CA ASP B 180 33.97 17.32 -18.29
C ASP B 180 32.94 17.61 -17.23
N VAL B 181 31.96 16.71 -17.15
CA VAL B 181 30.89 16.76 -16.18
C VAL B 181 31.17 15.61 -15.23
N THR B 182 31.12 15.91 -13.94
CA THR B 182 31.43 14.91 -12.94
C THR B 182 30.16 14.16 -12.55
N PHE B 183 30.35 13.00 -11.95
CA PHE B 183 29.24 12.17 -11.56
C PHE B 183 29.28 11.95 -10.06
N VAL B 184 28.11 12.03 -9.45
CA VAL B 184 27.95 11.80 -8.02
C VAL B 184 26.76 10.87 -7.79
N PRO B 185 27.02 9.62 -7.34
CA PRO B 185 25.87 8.83 -6.95
C PRO B 185 25.23 9.33 -5.67
N CYS B 186 23.91 9.32 -5.62
CA CYS B 186 23.19 9.63 -4.41
C CYS B 186 22.57 8.32 -3.94
N ILE B 187 22.96 7.85 -2.76
CA ILE B 187 22.49 6.53 -2.27
C ILE B 187 21.78 6.68 -0.93
N GLN B 188 21.37 5.54 -0.34
CA GLN B 188 20.82 5.52 1.00
C GLN B 188 21.57 4.56 1.92
N THR B 189 21.98 5.10 3.07
CA THR B 189 22.71 4.33 4.08
C THR B 189 21.99 4.25 5.42
N LEU B 190 20.71 4.63 5.46
CA LEU B 190 19.93 4.54 6.69
C LEU B 190 18.49 4.12 6.41
N ALA B 191 17.70 5.02 5.82
CA ALA B 191 16.29 4.80 5.52
C ALA B 191 16.04 4.90 4.02
N HIS B 192 14.77 5.09 3.61
CA HIS B 192 14.35 5.09 2.21
C HIS B 192 14.82 3.85 1.47
N LEU B 193 14.72 2.68 2.09
CA LEU B 193 15.13 1.43 1.44
C LEU B 193 13.96 0.43 1.41
N SER B 194 12.74 0.96 1.30
CA SER B 194 11.55 0.16 1.45
C SER B 194 11.45 -0.97 0.41
N ALA B 195 11.92 -0.72 -0.80
CA ALA B 195 11.81 -1.75 -1.84
C ALA B 195 12.75 -2.94 -1.60
N PHE B 196 13.84 -2.70 -0.88
CA PHE B 196 14.78 -3.74 -0.46
C PHE B 196 14.30 -4.50 0.78
N VAL B 197 13.96 -3.76 1.84
CA VAL B 197 13.67 -4.38 3.13
C VAL B 197 12.36 -5.15 3.19
N LYS B 198 11.48 -5.00 2.20
CA LYS B 198 10.26 -5.81 2.13
C LYS B 198 10.48 -7.34 1.98
N TRP B 199 11.65 -7.72 1.49
CA TRP B 199 11.85 -9.10 1.08
C TRP B 199 11.99 -10.00 2.28
N GLY B 200 11.07 -10.96 2.36
CA GLY B 200 10.89 -11.75 3.57
C GLY B 200 11.87 -12.93 3.59
N VAL B 201 13.15 -12.59 3.62
CA VAL B 201 14.19 -13.59 3.86
C VAL B 201 15.10 -13.11 5.00
N LYS B 202 15.71 -14.07 5.67
CA LYS B 202 16.44 -13.79 6.89
C LYS B 202 17.57 -12.80 6.61
N GLU B 203 18.23 -12.98 5.47
CA GLU B 203 19.34 -12.12 5.01
C GLU B 203 18.99 -10.63 4.91
N VAL B 204 17.73 -10.35 4.67
CA VAL B 204 17.22 -8.98 4.56
C VAL B 204 16.57 -8.55 5.88
N GLN B 205 15.73 -9.40 6.47
CA GLN B 205 15.00 -8.98 7.66
C GLN B 205 15.94 -8.66 8.84
N GLU B 206 17.02 -9.41 8.98
CA GLU B 206 17.95 -9.17 10.07
C GLU B 206 18.58 -7.78 10.00
N LEU B 207 18.46 -7.09 8.86
CA LEU B 207 19.06 -5.77 8.65
C LEU B 207 18.12 -4.63 9.04
N ARG B 208 16.94 -4.96 9.56
CA ARG B 208 15.86 -3.97 9.71
C ARG B 208 15.66 -3.45 11.13
N ASP B 209 15.40 -2.16 11.25
CA ASP B 209 14.92 -1.60 12.49
C ASP B 209 13.40 -1.56 12.47
N VAL B 210 12.87 -0.77 11.54
CA VAL B 210 11.43 -0.49 11.47
C VAL B 210 11.17 0.27 10.17
N GLU B 211 9.97 0.10 9.63
CA GLU B 211 9.59 0.65 8.33
C GLU B 211 10.70 0.44 7.30
N ASP B 212 11.24 1.56 6.81
CA ASP B 212 12.20 1.57 5.71
C ASP B 212 13.62 1.82 6.21
N ILE B 213 13.88 1.52 7.48
CA ILE B 213 15.12 1.97 8.14
C ILE B 213 15.99 0.78 8.50
N LEU B 214 17.27 0.88 8.20
CA LEU B 214 18.24 -0.18 8.56
C LEU B 214 18.54 -0.19 10.05
N LEU B 215 19.03 -1.33 10.55
CA LEU B 215 19.24 -1.50 11.97
C LEU B 215 20.64 -1.04 12.37
N ILE B 216 20.70 0.16 12.96
CA ILE B 216 21.95 0.75 13.39
C ILE B 216 22.61 -0.21 14.38
N GLY B 217 23.91 -0.37 14.23
CA GLY B 217 24.71 -1.21 15.13
C GLY B 217 24.76 -2.68 14.77
N GLU B 218 24.07 -3.09 13.71
CA GLU B 218 24.07 -4.50 13.32
C GLU B 218 25.19 -4.65 12.31
N GLU B 219 26.10 -5.58 12.57
CA GLU B 219 27.29 -5.74 11.72
C GLU B 219 26.94 -6.13 10.30
N LYS B 220 25.86 -6.87 10.12
CA LYS B 220 25.39 -7.22 8.77
C LYS B 220 24.85 -5.98 8.01
N VAL B 221 24.38 -4.97 8.74
CA VAL B 221 24.05 -3.69 8.13
C VAL B 221 25.33 -3.04 7.57
N TYR B 222 26.41 -3.05 8.36
CA TYR B 222 27.69 -2.47 7.94
C TYR B 222 28.37 -3.32 6.87
N ASP B 223 28.15 -4.63 6.88
CA ASP B 223 28.53 -5.46 5.72
C ASP B 223 27.84 -5.00 4.43
N LEU B 224 26.53 -4.78 4.52
CA LEU B 224 25.76 -4.27 3.38
C LEU B 224 26.33 -2.93 2.89
N ILE B 225 26.54 -1.99 3.81
CA ILE B 225 27.05 -0.65 3.44
C ILE B 225 28.45 -0.72 2.82
N ASP B 226 29.29 -1.61 3.33
CA ASP B 226 30.58 -1.86 2.74
C ASP B 226 30.41 -2.28 1.29
N GLY B 227 29.48 -3.21 1.06
CA GLY B 227 29.12 -3.63 -0.32
C GLY B 227 28.65 -2.49 -1.23
N MET B 228 27.86 -1.54 -0.68
CA MET B 228 27.43 -0.36 -1.44
C MET B 228 28.64 0.41 -1.97
N PHE B 229 29.63 0.63 -1.10
CA PHE B 229 30.81 1.41 -1.46
C PHE B 229 31.78 0.61 -2.29
N ALA B 230 31.76 -0.71 -2.15
CA ALA B 230 32.50 -1.57 -3.06
C ALA B 230 32.00 -1.41 -4.51
N THR B 231 30.68 -1.33 -4.70
CA THR B 231 30.15 -1.11 -6.03
C THR B 231 30.57 0.26 -6.55
N LEU B 232 30.35 1.30 -5.76
CA LEU B 232 30.64 2.67 -6.19
C LEU B 232 32.14 2.89 -6.46
N SER B 233 33.01 2.19 -5.74
CA SER B 233 34.45 2.38 -5.92
C SER B 233 34.91 1.95 -7.31
N LYS B 234 34.10 1.16 -8.01
CA LYS B 234 34.32 0.86 -9.43
C LYS B 234 34.20 2.10 -10.32
N LEU B 235 33.56 3.15 -9.81
CA LEU B 235 33.47 4.41 -10.52
C LEU B 235 34.81 5.15 -10.36
N LYS B 236 35.00 6.18 -11.18
CA LYS B 236 36.13 7.09 -11.02
C LYS B 236 35.86 8.09 -9.91
N THR B 237 34.65 8.66 -9.91
CA THR B 237 34.30 9.64 -8.89
C THR B 237 34.52 9.13 -7.47
N ARG B 238 34.82 10.07 -6.58
CA ARG B 238 35.03 9.77 -5.18
C ARG B 238 34.22 10.74 -4.33
N LYS B 239 33.11 11.18 -4.90
CA LYS B 239 32.16 12.04 -4.23
C LYS B 239 30.82 11.33 -4.20
N VAL B 240 30.17 11.32 -3.04
CA VAL B 240 28.93 10.59 -2.85
C VAL B 240 28.01 11.32 -1.89
N ASN B 241 26.72 11.20 -2.12
CA ASN B 241 25.69 11.63 -1.18
C ASN B 241 25.15 10.36 -0.54
N ILE B 242 25.35 10.22 0.76
CA ILE B 242 25.01 8.97 1.51
C ILE B 242 23.60 8.93 2.10
N GLY B 243 22.78 9.92 1.77
CA GLY B 243 21.39 9.88 2.14
C GLY B 243 21.21 10.33 3.56
N MET B 244 20.54 9.49 4.34
CA MET B 244 20.22 9.73 5.75
C MET B 244 19.12 10.76 6.05
N ASP B 245 18.31 11.08 5.06
CA ASP B 245 17.06 11.81 5.29
C ASP B 245 15.98 10.90 5.84
N GLU B 246 15.07 11.50 6.58
CA GLU B 246 13.72 10.97 6.78
C GLU B 246 13.69 9.55 7.37
N ALA B 247 14.41 9.39 8.46
CA ALA B 247 14.48 8.13 9.19
C ALA B 247 13.73 8.33 10.48
N HIS B 248 12.47 8.71 10.35
CA HIS B 248 11.71 9.28 11.44
C HIS B 248 11.62 8.43 12.71
N LEU B 249 11.41 7.13 12.55
CA LEU B 249 11.35 6.25 13.72
C LEU B 249 12.66 5.53 14.07
N VAL B 250 13.79 6.08 13.68
CA VAL B 250 15.10 5.43 13.92
C VAL B 250 15.29 5.19 15.43
N GLY B 251 15.67 3.95 15.77
CA GLY B 251 15.88 3.55 17.14
C GLY B 251 14.66 2.97 17.87
N LEU B 252 13.48 3.01 17.27
CA LEU B 252 12.25 2.72 17.99
C LEU B 252 11.56 1.40 17.63
N GLY B 253 12.16 0.63 16.72
CA GLY B 253 11.61 -0.67 16.29
C GLY B 253 12.39 -1.83 16.92
N ARG B 254 12.93 -2.69 16.07
CA ARG B 254 13.86 -3.75 16.52
C ARG B 254 15.01 -3.18 17.37
N TYR B 255 15.48 -1.97 17.05
CA TYR B 255 16.54 -1.40 17.83
C TYR B 255 16.13 -1.27 19.30
N LEU B 256 14.96 -0.66 19.54
CA LEU B 256 14.40 -0.54 20.89
C LEU B 256 14.23 -1.90 21.58
N ILE B 257 13.73 -2.90 20.86
CA ILE B 257 13.52 -4.22 21.43
C ILE B 257 14.82 -4.91 21.81
N LEU B 258 15.83 -4.78 20.96
CA LEU B 258 17.13 -5.40 21.22
C LEU B 258 17.98 -4.61 22.22
N ASN B 259 17.98 -3.28 22.13
CA ASN B 259 18.92 -2.47 22.92
C ASN B 259 18.33 -1.56 23.95
N GLY B 260 17.00 -1.49 24.01
CA GLY B 260 16.34 -0.56 24.90
C GLY B 260 16.44 0.87 24.43
N VAL B 261 16.07 1.79 25.33
CA VAL B 261 16.02 3.21 25.05
C VAL B 261 17.42 3.81 24.96
N VAL B 262 17.68 4.61 23.93
CA VAL B 262 18.95 5.34 23.81
C VAL B 262 18.71 6.78 23.35
N ASP B 263 19.74 7.60 23.49
CA ASP B 263 19.71 8.97 23.01
C ASP B 263 19.80 8.89 21.48
N ARG B 264 18.78 9.34 20.79
CA ARG B 264 18.68 9.08 19.37
C ARG B 264 19.62 9.96 18.54
N SER B 265 19.96 11.15 19.05
CA SER B 265 20.96 11.99 18.40
C SER B 265 22.34 11.35 18.50
N LEU B 266 22.67 10.75 19.65
CA LEU B 266 23.93 10.00 19.76
C LEU B 266 23.89 8.76 18.86
N LEU B 267 22.75 8.05 18.82
CA LEU B 267 22.60 6.90 17.91
C LEU B 267 22.92 7.25 16.46
N MET B 268 22.36 8.36 16.02
CA MET B 268 22.58 8.85 14.67
CA MET B 268 22.58 8.81 14.66
C MET B 268 24.06 9.07 14.40
N CYS B 269 24.73 9.75 15.35
CA CYS B 269 26.14 10.03 15.20
C CYS B 269 26.93 8.75 15.16
N GLN B 270 26.56 7.76 15.96
CA GLN B 270 27.28 6.48 15.95
C GLN B 270 27.24 5.84 14.56
N HIS B 271 26.03 5.80 14.01
CA HIS B 271 25.83 5.22 12.70
C HIS B 271 26.58 6.01 11.65
N LEU B 272 26.50 7.34 11.76
CA LEU B 272 27.13 8.22 10.78
C LEU B 272 28.62 8.01 10.81
N GLU B 273 29.20 7.85 11.99
CA GLU B 273 30.62 7.53 12.09
C GLU B 273 30.97 6.20 11.41
N ARG B 274 30.20 5.14 11.64
CA ARG B 274 30.45 3.87 10.95
C ARG B 274 30.46 4.08 9.43
N VAL B 275 29.47 4.84 8.94
CA VAL B 275 29.34 5.01 7.50
C VAL B 275 30.46 5.83 6.90
N LEU B 276 30.90 6.85 7.61
CA LEU B 276 32.00 7.68 7.10
C LEU B 276 33.29 6.89 7.12
N ASP B 277 33.45 5.99 8.09
CA ASP B 277 34.65 5.14 8.17
C ASP B 277 34.70 4.17 6.98
N ILE B 278 33.54 3.66 6.56
CA ILE B 278 33.51 2.81 5.37
C ILE B 278 33.86 3.64 4.13
N ALA B 279 33.23 4.81 4.00
CA ALA B 279 33.54 5.70 2.89
C ALA B 279 35.05 5.97 2.82
N ASP B 280 35.66 6.33 3.95
CA ASP B 280 37.12 6.60 4.01
C ASP B 280 37.91 5.43 3.51
N LYS B 281 37.46 4.21 3.84
CA LYS B 281 38.12 2.99 3.42
C LYS B 281 38.22 2.94 1.91
N TYR B 282 37.17 3.36 1.23
CA TYR B 282 37.20 3.35 -0.22
C TYR B 282 37.58 4.67 -0.87
N GLY B 283 38.01 5.65 -0.08
CA GLY B 283 38.42 6.95 -0.63
C GLY B 283 37.31 7.97 -0.89
N PHE B 284 36.09 7.73 -0.43
CA PHE B 284 34.97 8.65 -0.79
C PHE B 284 34.87 9.86 0.12
N HIS B 285 34.43 10.98 -0.44
CA HIS B 285 34.08 12.17 0.32
C HIS B 285 32.56 12.34 0.25
N CYS B 286 31.94 12.54 1.40
CA CYS B 286 30.50 12.39 1.54
C CYS B 286 29.74 13.67 1.71
N GLN B 287 28.53 13.66 1.15
CA GLN B 287 27.51 14.63 1.48
C GLN B 287 26.33 13.88 2.08
N MET B 288 25.49 14.56 2.86
CA MET B 288 24.29 13.92 3.38
C MET B 288 23.20 14.95 3.52
N TRP B 289 21.95 14.49 3.38
CA TRP B 289 20.80 15.34 3.66
C TRP B 289 20.86 15.69 5.15
N SER B 290 20.50 16.92 5.47
CA SER B 290 20.71 17.44 6.82
C SER B 290 19.56 17.24 7.79
N ASP B 291 18.41 16.76 7.32
CA ASP B 291 17.19 16.89 8.10
C ASP B 291 17.18 16.15 9.44
N MET B 292 17.79 14.99 9.52
CA MET B 292 17.65 14.21 10.75
C MET B 292 18.29 14.87 11.97
N PHE B 293 19.28 15.72 11.79
CA PHE B 293 19.90 16.38 12.92
C PHE B 293 18.92 17.31 13.56
N PHE B 294 18.22 18.04 12.70
CA PHE B 294 17.17 18.95 13.14
C PHE B 294 15.97 18.22 13.74
N LYS B 295 15.56 17.14 13.10
CA LYS B 295 14.38 16.44 13.61
C LYS B 295 14.64 15.73 14.94
N LEU B 296 15.80 15.10 15.08
CA LEU B 296 16.10 14.39 16.32
C LEU B 296 16.37 15.33 17.49
N MET B 297 16.80 16.56 17.21
CA MET B 297 17.22 17.45 18.29
C MET B 297 16.26 18.58 18.56
N SER B 298 15.19 18.69 17.77
CA SER B 298 14.16 19.70 18.00
C SER B 298 13.09 19.05 18.86
N ALA B 299 12.33 19.87 19.59
CA ALA B 299 11.32 19.36 20.52
C ALA B 299 10.12 18.85 19.77
N ASP B 300 9.79 19.47 18.64
CA ASP B 300 8.61 19.05 17.88
C ASP B 300 8.93 18.20 16.65
N GLY B 301 10.16 17.73 16.53
CA GLY B 301 10.52 16.82 15.45
C GLY B 301 10.55 17.41 14.05
N GLN B 302 10.86 18.71 13.95
CA GLN B 302 10.80 19.44 12.69
C GLN B 302 12.16 19.82 12.18
N TYR B 303 12.21 20.16 10.89
CA TYR B 303 13.43 20.48 10.15
C TYR B 303 13.83 21.94 10.34
N ASP B 304 12.84 22.83 10.24
CA ASP B 304 13.08 24.28 10.24
C ASP B 304 13.09 24.86 11.67
N ARG B 305 14.13 24.47 12.42
CA ARG B 305 14.29 24.81 13.83
C ARG B 305 15.76 25.07 14.13
N ASP B 306 15.98 26.03 15.03
CA ASP B 306 17.29 26.25 15.61
C ASP B 306 17.35 25.35 16.87
N VAL B 307 18.22 24.35 16.82
CA VAL B 307 18.18 23.27 17.80
C VAL B 307 19.23 23.42 18.90
N GLU B 308 18.85 23.03 20.12
CA GLU B 308 19.78 22.88 21.25
C GLU B 308 20.43 21.51 21.10
N ILE B 309 21.75 21.48 21.01
CA ILE B 309 22.47 20.24 20.77
C ILE B 309 22.87 19.65 22.12
N PRO B 310 22.41 18.43 22.46
CA PRO B 310 22.85 17.87 23.73
C PRO B 310 24.38 17.76 23.80
N GLU B 311 24.91 17.94 25.01
CA GLU B 311 26.35 18.09 25.21
C GLU B 311 27.19 16.95 24.63
N GLU B 312 26.79 15.70 24.89
CA GLU B 312 27.53 14.52 24.39
C GLU B 312 27.42 14.42 22.90
N THR B 313 26.25 14.81 22.38
CA THR B 313 26.04 14.83 20.96
C THR B 313 26.94 15.86 20.31
N ARG B 314 27.02 17.05 20.90
CA ARG B 314 27.85 18.13 20.37
C ARG B 314 29.31 17.72 20.17
N VAL B 315 29.84 16.97 21.14
CA VAL B 315 31.23 16.51 21.07
C VAL B 315 31.40 15.54 19.89
N TYR B 316 30.48 14.61 19.79
CA TYR B 316 30.50 13.60 18.75
C TYR B 316 30.33 14.27 17.38
N LEU B 317 29.32 15.13 17.31
CA LEU B 317 28.93 15.83 16.09
C LEU B 317 30.00 16.76 15.59
N ASP B 318 30.72 17.40 16.51
CA ASP B 318 31.82 18.28 16.13
C ASP B 318 32.90 17.50 15.39
N ARG B 319 33.19 16.29 15.84
CA ARG B 319 34.10 15.43 15.10
C ARG B 319 33.53 15.14 13.69
N LEU B 320 32.29 14.67 13.64
CA LEU B 320 31.69 14.20 12.39
C LEU B 320 31.48 15.28 11.33
N LYS B 321 31.05 16.47 11.75
CA LYS B 321 30.78 17.57 10.80
C LYS B 321 32.01 17.99 9.98
N ASP B 322 33.21 17.66 10.46
CA ASP B 322 34.44 17.92 9.69
C ASP B 322 34.73 16.89 8.60
N ARG B 323 33.88 15.86 8.49
CA ARG B 323 34.06 14.75 7.54
C ARG B 323 32.95 14.63 6.52
N VAL B 324 31.95 15.52 6.57
CA VAL B 324 30.79 15.40 5.70
C VAL B 324 30.21 16.78 5.43
N THR B 325 29.74 16.98 4.21
CA THR B 325 29.03 18.22 3.84
C THR B 325 27.56 18.04 4.06
N LEU B 326 26.93 18.96 4.75
CA LEU B 326 25.50 18.86 5.01
C LEU B 326 24.74 19.52 3.84
N VAL B 327 23.65 18.89 3.41
CA VAL B 327 22.82 19.41 2.35
C VAL B 327 21.46 19.81 2.91
N TYR B 328 21.25 21.12 2.92
CA TYR B 328 19.97 21.74 3.26
C TYR B 328 19.09 21.67 2.03
N TRP B 329 18.00 20.91 2.13
CA TRP B 329 17.07 20.74 1.02
C TRP B 329 15.75 21.46 1.31
N ASP B 330 15.27 22.20 0.33
CA ASP B 330 14.04 22.95 0.46
C ASP B 330 13.54 23.37 -0.90
N TYR B 331 12.29 23.00 -1.20
CA TYR B 331 11.63 23.15 -2.50
C TYR B 331 10.36 23.98 -2.47
N TYR B 332 9.97 24.48 -1.30
CA TYR B 332 8.60 24.87 -1.03
C TYR B 332 8.34 26.36 -0.73
N GLN B 333 9.37 27.18 -0.59
CA GLN B 333 9.20 28.54 -0.02
C GLN B 333 9.28 29.55 -1.10
N ASP B 334 8.41 30.55 -1.01
CA ASP B 334 8.38 31.69 -1.93
C ASP B 334 9.15 32.92 -1.43
N SER B 335 9.92 32.80 -0.36
CA SER B 335 10.61 33.98 0.20
C SER B 335 12.04 33.66 0.59
N GLU B 336 12.92 34.58 0.25
CA GLU B 336 14.33 34.50 0.61
C GLU B 336 14.53 34.31 2.10
N GLU B 337 13.78 35.06 2.90
CA GLU B 337 14.03 35.13 4.33
C GLU B 337 13.76 33.81 5.04
N LYS B 338 12.83 33.01 4.53
CA LYS B 338 12.62 31.68 5.09
C LYS B 338 13.86 30.78 4.83
N TYR B 339 14.38 30.82 3.60
CA TYR B 339 15.61 30.13 3.28
C TYR B 339 16.74 30.60 4.19
N ASN B 340 16.88 31.92 4.34
CA ASN B 340 17.97 32.48 5.17
C ASN B 340 17.89 32.00 6.61
N ARG B 341 16.67 31.98 7.15
CA ARG B 341 16.49 31.45 8.51
C ARG B 341 17.05 30.04 8.65
N ASN B 342 16.70 29.17 7.72
CA ASN B 342 17.19 27.82 7.76
C ASN B 342 18.69 27.75 7.52
N PHE B 343 19.23 28.60 6.67
CA PHE B 343 20.69 28.67 6.52
C PHE B 343 21.35 29.03 7.85
N ARG B 344 20.83 30.04 8.52
CA ARG B 344 21.30 30.39 9.87
C ARG B 344 21.24 29.19 10.82
N ASN B 345 20.11 28.50 10.86
CA ASN B 345 20.00 27.30 11.69
C ASN B 345 21.12 26.33 11.35
N HIS B 346 21.41 26.16 10.07
CA HIS B 346 22.43 25.20 9.65
C HIS B 346 23.83 25.66 10.07
N HIS B 347 24.10 26.95 9.95
CA HIS B 347 25.39 27.50 10.31
C HIS B 347 25.75 27.35 11.79
N LYS B 348 24.77 27.16 12.68
CA LYS B 348 25.05 26.84 14.09
C LYS B 348 25.70 25.49 14.25
N ILE B 349 25.48 24.62 13.28
CA ILE B 349 26.07 23.30 13.30
C ILE B 349 27.32 23.24 12.44
N SER B 350 27.27 23.77 11.20
CA SER B 350 28.39 23.66 10.28
C SER B 350 28.28 24.66 9.14
N HIS B 351 29.43 25.14 8.68
CA HIS B 351 29.51 25.98 7.49
C HIS B 351 29.83 25.16 6.23
N ASP B 352 30.05 23.86 6.38
CA ASP B 352 30.26 22.99 5.22
C ASP B 352 28.89 22.52 4.73
N LEU B 353 28.27 23.36 3.92
CA LEU B 353 26.89 23.20 3.46
C LEU B 353 26.75 23.35 1.96
N ALA B 354 25.85 22.55 1.41
CA ALA B 354 25.33 22.76 0.06
C ALA B 354 23.80 22.91 0.17
N PHE B 355 23.17 23.32 -0.92
CA PHE B 355 21.74 23.51 -0.95
C PHE B 355 21.14 22.65 -2.04
N ALA B 356 19.97 22.07 -1.77
CA ALA B 356 19.23 21.33 -2.78
C ALA B 356 17.94 22.06 -3.06
N GLY B 357 17.75 22.41 -4.34
CA GLY B 357 16.51 22.99 -4.85
C GLY B 357 15.73 21.91 -5.57
N GLY B 358 14.58 22.27 -6.13
CA GLY B 358 13.68 21.29 -6.71
C GLY B 358 13.25 21.64 -8.12
N ALA B 359 13.39 20.67 -9.02
CA ALA B 359 12.66 20.68 -10.27
C ALA B 359 11.45 19.78 -10.04
N TRP B 360 10.30 20.41 -9.90
CA TRP B 360 9.07 19.75 -9.47
C TRP B 360 8.54 18.77 -10.49
N LYS B 361 8.86 17.49 -10.32
CA LYS B 361 8.36 16.43 -11.22
C LYS B 361 7.95 15.20 -10.42
N TRP B 362 7.52 15.41 -9.17
CA TRP B 362 7.14 14.32 -8.27
C TRP B 362 5.67 14.33 -7.79
N ILE B 363 4.82 15.01 -8.56
CA ILE B 363 3.43 15.15 -8.19
C ILE B 363 2.50 14.52 -9.21
N GLY B 364 2.92 13.40 -9.77
CA GLY B 364 2.04 12.59 -10.59
C GLY B 364 2.54 12.39 -12.00
N PHE B 365 1.71 12.81 -12.97
CA PHE B 365 2.00 12.69 -14.38
C PHE B 365 2.58 13.96 -14.95
N THR B 366 2.34 15.07 -14.26
CA THR B 366 2.57 16.42 -14.83
C THR B 366 3.48 17.25 -13.92
N PRO B 367 4.50 17.88 -14.51
CA PRO B 367 5.43 18.66 -13.72
C PRO B 367 4.87 20.01 -13.24
N HIS B 368 5.70 20.69 -12.45
CA HIS B 368 5.45 22.08 -12.10
C HIS B 368 6.67 22.98 -12.29
N ASN B 369 7.08 23.14 -13.54
CA ASN B 369 8.10 24.13 -13.93
C ASN B 369 7.75 25.57 -13.47
N HIS B 370 6.49 25.97 -13.52
CA HIS B 370 6.10 27.31 -13.06
C HIS B 370 6.39 27.54 -11.59
N PHE B 371 6.03 26.60 -10.73
CA PHE B 371 6.28 26.76 -9.31
C PHE B 371 7.79 26.66 -9.07
N SER B 372 8.47 25.81 -9.84
CA SER B 372 9.92 25.63 -9.72
C SER B 372 10.66 26.93 -9.97
N ARG B 373 10.17 27.71 -10.95
CA ARG B 373 10.73 28.98 -11.28
C ARG B 373 10.58 29.92 -10.10
N LEU B 374 9.35 30.02 -9.61
CA LEU B 374 9.01 30.93 -8.50
C LEU B 374 9.98 30.74 -7.34
N VAL B 375 10.14 29.50 -6.91
CA VAL B 375 10.98 29.24 -5.75
C VAL B 375 12.46 29.33 -6.07
N ALA B 376 12.87 29.01 -7.29
CA ALA B 376 14.29 29.10 -7.64
C ALA B 376 14.82 30.52 -7.46
N ILE B 377 14.03 31.50 -7.90
CA ILE B 377 14.47 32.88 -7.92
C ILE B 377 14.79 33.30 -6.49
N GLU B 378 13.94 32.90 -5.54
CA GLU B 378 14.14 33.28 -4.14
C GLU B 378 15.25 32.44 -3.50
N ALA B 379 15.33 31.16 -3.87
CA ALA B 379 16.37 30.32 -3.29
C ALA B 379 17.76 30.77 -3.73
N ASN B 380 17.87 31.17 -5.00
CA ASN B 380 19.13 31.68 -5.55
C ASN B 380 19.61 32.90 -4.73
N LYS B 381 18.70 33.84 -4.43
CA LYS B 381 19.00 34.95 -3.54
C LYS B 381 19.60 34.53 -2.20
N ALA B 382 18.97 33.56 -1.54
CA ALA B 382 19.41 33.10 -0.23
C ALA B 382 20.76 32.39 -0.31
N CYS B 383 20.94 31.55 -1.33
CA CYS B 383 22.19 30.81 -1.50
C CYS B 383 23.36 31.80 -1.72
N ARG B 384 23.13 32.80 -2.56
CA ARG B 384 24.13 33.83 -2.81
C ARG B 384 24.48 34.56 -1.54
N ALA B 385 23.48 34.94 -0.76
CA ALA B 385 23.72 35.66 0.51
C ALA B 385 24.43 34.80 1.58
N ASN B 386 24.40 33.48 1.47
CA ASN B 386 25.05 32.62 2.47
C ASN B 386 26.27 31.95 1.89
N GLN B 387 26.75 32.53 0.79
CA GLN B 387 27.94 32.09 0.04
C GLN B 387 28.00 30.60 -0.19
N ILE B 388 26.86 30.03 -0.57
CA ILE B 388 26.76 28.61 -0.84
C ILE B 388 27.54 28.31 -2.11
N LYS B 389 28.34 27.24 -2.08
CA LYS B 389 29.25 26.87 -3.16
C LYS B 389 28.61 25.92 -4.18
N GLU B 390 27.75 25.01 -3.73
CA GLU B 390 27.11 24.02 -4.59
C GLU B 390 25.60 23.99 -4.40
N VAL B 391 24.87 24.03 -5.52
CA VAL B 391 23.43 23.86 -5.55
C VAL B 391 23.16 22.58 -6.30
N ILE B 392 22.34 21.71 -5.71
CA ILE B 392 21.90 20.48 -6.36
C ILE B 392 20.40 20.63 -6.69
N VAL B 393 20.06 20.59 -7.97
CA VAL B 393 18.66 20.61 -8.40
C VAL B 393 18.15 19.17 -8.37
N THR B 394 17.11 18.91 -7.59
CA THR B 394 16.62 17.55 -7.36
C THR B 394 15.31 17.28 -8.12
N GLY B 395 15.28 16.18 -8.87
CA GLY B 395 14.11 15.78 -9.67
C GLY B 395 13.50 14.50 -9.14
N TRP B 396 12.89 14.58 -7.98
CA TRP B 396 12.27 13.44 -7.33
C TRP B 396 11.09 12.86 -8.13
N GLY B 397 10.74 11.60 -7.88
CA GLY B 397 9.64 10.93 -8.59
C GLY B 397 8.61 10.24 -7.69
N ASP B 398 8.38 10.84 -6.53
CA ASP B 398 7.51 10.30 -5.48
C ASP B 398 6.37 9.42 -5.95
N ASN B 399 6.27 8.22 -5.38
CA ASN B 399 5.07 7.38 -5.48
C ASN B 399 4.80 6.79 -6.90
N GLY B 400 5.83 6.28 -7.56
CA GLY B 400 5.68 5.58 -8.84
C GLY B 400 6.34 6.17 -10.08
N GLY B 401 6.92 7.35 -9.96
CA GLY B 401 7.74 7.90 -11.03
C GLY B 401 7.00 8.23 -12.32
N GLU B 402 5.77 8.73 -12.17
CA GLU B 402 4.86 8.84 -13.32
C GLU B 402 5.05 10.09 -14.19
N THR B 403 5.93 11.00 -13.77
CA THR B 403 6.21 12.20 -14.55
C THR B 403 7.40 11.94 -15.44
N ALA B 404 7.39 12.52 -16.63
CA ALA B 404 8.46 12.27 -17.58
C ALA B 404 9.78 12.88 -17.12
N GLN B 405 10.86 12.18 -17.41
CA GLN B 405 12.20 12.60 -17.02
C GLN B 405 12.60 13.92 -17.68
N PHE B 406 12.19 14.15 -18.91
CA PHE B 406 12.59 15.40 -19.58
C PHE B 406 11.51 16.46 -19.49
N SER B 407 10.51 16.25 -18.63
CA SER B 407 9.46 17.25 -18.40
C SER B 407 9.94 18.54 -17.72
N ILE B 408 11.09 18.51 -17.08
CA ILE B 408 11.54 19.61 -16.24
C ILE B 408 12.74 20.39 -16.83
N LEU B 409 13.05 20.18 -18.11
CA LEU B 409 14.12 20.95 -18.72
C LEU B 409 14.02 22.47 -18.46
N PRO B 410 12.82 23.08 -18.49
CA PRO B 410 12.79 24.54 -18.17
C PRO B 410 13.32 24.88 -16.78
N SER B 411 12.90 24.10 -15.78
CA SER B 411 13.42 24.24 -14.42
C SER B 411 14.95 24.12 -14.37
N LEU B 412 15.52 23.21 -15.15
CA LEU B 412 16.99 23.09 -15.21
C LEU B 412 17.65 24.33 -15.82
N GLN B 413 17.05 24.85 -16.90
CA GLN B 413 17.62 26.03 -17.54
C GLN B 413 17.49 27.23 -16.63
N ILE B 414 16.42 27.28 -15.84
CA ILE B 414 16.21 28.35 -14.87
C ILE B 414 17.34 28.41 -13.87
N TRP B 415 17.69 27.25 -13.29
CA TRP B 415 18.76 27.26 -12.30
C TRP B 415 20.10 27.59 -12.91
N ALA B 416 20.33 27.11 -14.12
CA ALA B 416 21.57 27.47 -14.83
C ALA B 416 21.66 28.98 -15.06
N GLU B 417 20.56 29.60 -15.49
CA GLU B 417 20.56 31.04 -15.74
C GLU B 417 20.79 31.84 -14.45
N LEU B 418 20.14 31.40 -13.38
CA LEU B 418 20.29 32.04 -12.10
C LEU B 418 21.73 31.96 -11.60
N SER B 419 22.39 30.83 -11.82
CA SER B 419 23.79 30.73 -11.45
C SER B 419 24.70 31.66 -12.26
N TYR B 420 24.62 31.57 -13.58
CA TYR B 420 25.54 32.28 -14.47
C TYR B 420 25.23 33.73 -14.75
N ARG B 421 23.96 34.12 -14.68
CA ARG B 421 23.59 35.51 -14.98
C ARG B 421 22.84 36.24 -13.86
N ASN B 422 22.37 35.50 -12.87
CA ASN B 422 21.57 36.04 -11.78
C ASN B 422 20.25 36.66 -12.25
N ASP B 423 19.80 36.29 -13.44
CA ASP B 423 18.50 36.68 -13.95
C ASP B 423 18.05 35.72 -15.06
N LEU B 424 16.79 35.89 -15.48
CA LEU B 424 16.17 35.03 -16.49
C LEU B 424 15.97 35.72 -17.86
N ASP B 425 16.67 36.83 -18.10
CA ASP B 425 16.51 37.60 -19.34
C ASP B 425 16.92 36.80 -20.57
N GLY B 426 17.88 35.90 -20.40
CA GLY B 426 18.34 35.04 -21.50
C GLY B 426 17.66 33.66 -21.54
N LEU B 427 16.67 33.46 -20.69
CA LEU B 427 16.15 32.10 -20.41
C LEU B 427 15.51 31.53 -21.66
N SER B 428 14.53 32.24 -22.21
CA SER B 428 13.81 31.68 -23.35
C SER B 428 14.71 31.47 -24.58
N ALA B 429 15.56 32.45 -24.89
CA ALA B 429 16.41 32.33 -26.04
C ALA B 429 17.39 31.14 -25.90
N HIS B 430 18.06 31.01 -24.75
CA HIS B 430 19.00 29.90 -24.56
C HIS B 430 18.29 28.56 -24.56
N PHE B 431 17.06 28.56 -24.05
CA PHE B 431 16.27 27.34 -24.05
C PHE B 431 15.92 26.90 -25.46
N LYS B 432 15.45 27.86 -26.25
CA LYS B 432 15.10 27.56 -27.61
C LYS B 432 16.30 27.05 -28.37
N THR B 433 17.44 27.70 -28.23
CA THR B 433 18.68 27.23 -28.86
C THR B 433 18.96 25.81 -28.48
N ASN B 434 18.74 25.49 -27.20
CA ASN B 434 19.04 24.18 -26.66
C ASN B 434 18.06 23.07 -27.02
N THR B 435 16.77 23.40 -27.14
CA THR B 435 15.73 22.38 -27.28
C THR B 435 14.87 22.50 -28.54
N GLY B 436 14.82 23.70 -29.12
CA GLY B 436 14.01 23.94 -30.30
C GLY B 436 12.67 24.55 -29.97
N LEU B 437 12.33 24.59 -28.68
CA LEU B 437 11.09 25.21 -28.22
C LEU B 437 11.46 26.44 -27.41
N THR B 438 10.61 27.46 -27.46
CA THR B 438 10.73 28.53 -26.49
C THR B 438 10.41 27.95 -25.11
N VAL B 439 10.93 28.58 -24.06
CA VAL B 439 10.64 28.10 -22.71
C VAL B 439 9.14 28.23 -22.37
N GLU B 440 8.49 29.26 -22.89
CA GLU B 440 7.06 29.47 -22.68
C GLU B 440 6.25 28.30 -23.25
N ASP B 441 6.54 27.91 -24.48
CA ASP B 441 5.90 26.74 -25.11
C ASP B 441 6.21 25.46 -24.34
N PHE B 442 7.48 25.24 -23.97
CA PHE B 442 7.81 24.00 -23.24
C PHE B 442 7.05 23.90 -21.90
N MET B 443 6.94 25.02 -21.19
CA MET B 443 6.35 25.05 -19.86
C MET B 443 4.83 24.90 -19.88
N GLN B 444 4.24 25.00 -21.06
CA GLN B 444 2.85 24.57 -21.22
C GLN B 444 2.69 23.12 -20.83
N ILE B 445 3.79 22.34 -20.82
CA ILE B 445 3.76 20.99 -20.29
C ILE B 445 3.06 20.91 -18.91
N ASP B 446 3.13 21.98 -18.12
CA ASP B 446 2.57 22.04 -16.76
C ASP B 446 1.05 22.09 -16.70
N LEU B 447 0.38 22.23 -17.85
CA LEU B 447 -1.00 22.75 -17.86
C LEU B 447 -2.02 21.98 -17.02
N ALA B 448 -1.89 20.66 -16.90
CA ALA B 448 -2.85 19.87 -16.12
C ALA B 448 -2.85 20.23 -14.63
N ASN B 449 -1.81 20.94 -14.17
CA ASN B 449 -1.74 21.47 -12.82
C ASN B 449 -2.20 22.93 -12.68
N LEU B 450 -2.22 23.70 -13.77
CA LEU B 450 -2.37 25.16 -13.69
C LEU B 450 -3.83 25.62 -13.65
N LEU B 451 -4.59 25.16 -12.67
CA LEU B 451 -5.98 25.60 -12.62
C LEU B 451 -6.01 27.13 -12.43
N PRO B 452 -6.90 27.83 -13.16
CA PRO B 452 -6.89 29.29 -13.22
C PRO B 452 -7.04 30.07 -11.91
N ASP B 453 -7.74 29.54 -10.91
CA ASP B 453 -7.93 30.26 -9.64
C ASP B 453 -6.88 29.96 -8.56
N LEU B 454 -5.80 29.25 -8.91
CA LEU B 454 -4.71 29.01 -7.95
C LEU B 454 -3.81 30.23 -7.93
N PRO B 455 -3.28 30.62 -6.76
CA PRO B 455 -2.17 31.58 -6.84
C PRO B 455 -0.95 30.73 -7.16
N GLY B 456 0.08 31.28 -7.75
CA GLY B 456 1.18 30.40 -8.16
C GLY B 456 2.19 30.02 -7.08
N ASN B 457 1.93 30.36 -5.82
CA ASN B 457 2.96 30.28 -4.79
C ASN B 457 2.71 29.22 -3.73
N LEU B 458 1.75 28.32 -4.00
CA LEU B 458 1.42 27.24 -3.08
C LEU B 458 1.81 25.91 -3.71
N SER B 459 2.54 25.09 -2.96
CA SER B 459 3.17 23.90 -3.50
C SER B 459 2.22 22.70 -3.55
N GLY B 460 2.49 21.78 -4.46
CA GLY B 460 1.90 20.45 -4.43
C GLY B 460 0.50 20.25 -4.98
N ILE B 461 -0.15 21.32 -5.47
CA ILE B 461 -1.55 21.22 -5.91
C ILE B 461 -1.55 20.51 -7.26
N ASN B 462 -2.07 19.29 -7.29
CA ASN B 462 -1.78 18.39 -8.40
C ASN B 462 -3.03 17.74 -8.97
N PRO B 463 -3.95 18.54 -9.53
CA PRO B 463 -5.16 17.90 -10.08
C PRO B 463 -4.86 16.97 -11.24
N ASN B 464 -3.71 17.13 -11.89
CA ASN B 464 -3.29 16.21 -12.95
C ASN B 464 -3.46 14.76 -12.52
N ARG B 465 -3.11 14.48 -11.27
CA ARG B 465 -3.03 13.13 -10.80
C ARG B 465 -4.31 12.66 -10.16
N TYR B 466 -4.85 13.46 -9.23
CA TYR B 466 -6.03 12.99 -8.51
C TYR B 466 -7.34 13.05 -9.31
N VAL B 467 -7.40 13.93 -10.31
CA VAL B 467 -8.56 13.91 -11.22
C VAL B 467 -8.49 12.62 -12.07
N PHE B 468 -7.28 12.21 -12.43
CA PHE B 468 -7.12 11.03 -13.25
C PHE B 468 -7.45 9.75 -12.46
N TYR B 469 -6.76 9.51 -11.34
CA TYR B 469 -6.94 8.25 -10.61
C TYR B 469 -8.19 8.10 -9.73
N GLN B 470 -8.97 9.16 -9.58
CA GLN B 470 -10.17 9.11 -8.75
C GLN B 470 -11.18 8.09 -9.29
N ASP B 471 -11.92 7.47 -8.39
CA ASP B 471 -12.99 6.55 -8.77
C ASP B 471 -14.14 7.30 -9.45
N ILE B 472 -14.99 6.57 -10.17
CA ILE B 472 -16.21 7.15 -10.74
C ILE B 472 -17.39 7.10 -9.74
N LEU B 473 -17.74 5.90 -9.24
CA LEU B 473 -18.90 5.72 -8.34
C LEU B 473 -18.72 6.37 -6.98
N CYS B 474 -17.45 6.42 -6.55
CA CYS B 474 -17.08 6.89 -5.21
C CYS B 474 -16.00 7.97 -5.32
N PRO B 475 -16.37 9.15 -5.85
CA PRO B 475 -15.41 10.21 -6.17
C PRO B 475 -15.03 11.03 -4.95
N ILE B 476 -14.06 10.53 -4.19
CA ILE B 476 -13.70 11.10 -2.88
C ILE B 476 -12.95 12.44 -2.97
N LEU B 477 -12.54 12.84 -4.17
CA LEU B 477 -11.97 14.19 -4.33
C LEU B 477 -12.94 15.15 -4.99
N ASP B 478 -14.22 14.79 -5.09
CA ASP B 478 -15.16 15.60 -5.89
C ASP B 478 -15.34 17.03 -5.39
N GLN B 479 -15.20 17.24 -4.08
CA GLN B 479 -15.32 18.58 -3.52
C GLN B 479 -14.20 19.52 -3.96
N HIS B 480 -13.15 18.99 -4.54
CA HIS B 480 -12.01 19.78 -4.95
C HIS B 480 -12.07 20.15 -6.41
N MET B 481 -13.18 19.79 -7.05
CA MET B 481 -13.40 20.03 -8.47
C MET B 481 -14.26 21.25 -8.68
N THR B 482 -13.91 22.04 -9.68
CA THR B 482 -14.65 23.24 -10.02
C THR B 482 -14.96 23.17 -11.50
N PRO B 483 -16.02 22.42 -11.89
CA PRO B 483 -16.24 22.09 -13.30
C PRO B 483 -16.40 23.28 -14.27
N GLU B 484 -17.11 24.33 -13.83
CA GLU B 484 -17.24 25.58 -14.61
C GLU B 484 -15.89 26.08 -15.10
N GLN B 485 -14.85 25.99 -14.27
CA GLN B 485 -13.51 26.42 -14.74
C GLN B 485 -12.62 25.27 -15.21
N ASP B 486 -12.67 24.12 -14.55
CA ASP B 486 -11.65 23.07 -14.80
C ASP B 486 -11.87 22.44 -16.17
N LYS B 487 -13.13 22.22 -16.50
CA LYS B 487 -13.52 21.58 -17.74
C LYS B 487 -13.02 22.32 -18.97
N PRO B 488 -13.33 23.62 -19.10
CA PRO B 488 -12.69 24.30 -20.26
C PRO B 488 -11.17 24.46 -20.12
N HIS B 489 -10.69 24.64 -18.89
CA HIS B 489 -9.26 24.74 -18.74
C HIS B 489 -8.59 23.52 -19.35
N PHE B 490 -9.07 22.34 -18.99
CA PHE B 490 -8.45 21.12 -19.46
C PHE B 490 -8.61 20.90 -20.97
N ALA B 491 -9.81 21.16 -21.49
CA ALA B 491 -10.08 21.06 -22.96
C ALA B 491 -9.20 21.99 -23.76
N GLN B 492 -9.08 23.23 -23.29
CA GLN B 492 -8.21 24.22 -23.93
C GLN B 492 -6.73 23.79 -23.82
N ALA B 493 -6.34 23.23 -22.68
CA ALA B 493 -4.96 22.71 -22.54
C ALA B 493 -4.65 21.63 -23.56
N ALA B 494 -5.58 20.71 -23.81
CA ALA B 494 -5.33 19.61 -24.76
C ALA B 494 -5.04 20.08 -26.20
N GLU B 495 -5.78 21.09 -26.63
CA GLU B 495 -5.55 21.73 -27.95
C GLU B 495 -4.21 22.45 -27.97
N THR B 496 -3.94 23.22 -26.93
CA THR B 496 -2.70 23.97 -26.85
C THR B 496 -1.52 23.02 -26.98
N LEU B 497 -1.60 21.89 -26.27
CA LEU B 497 -0.49 20.96 -26.17
C LEU B 497 -0.33 20.17 -27.45
N ALA B 498 -1.43 19.98 -28.18
CA ALA B 498 -1.38 19.30 -29.48
C ALA B 498 -0.65 20.16 -30.50
N ASN B 499 -0.80 21.48 -30.36
CA ASN B 499 -0.11 22.43 -31.25
C ASN B 499 1.36 22.42 -30.95
N ILE B 500 1.71 22.45 -29.67
CA ILE B 500 3.12 22.44 -29.28
C ILE B 500 3.80 21.14 -29.67
N LYS B 501 3.07 20.03 -29.57
CA LYS B 501 3.60 18.73 -29.95
C LYS B 501 4.08 18.76 -31.38
N GLU B 502 3.28 19.39 -32.26
CA GLU B 502 3.61 19.47 -33.68
C GLU B 502 4.88 20.24 -33.98
N LYS B 503 5.32 21.11 -33.08
CA LYS B 503 6.59 21.83 -33.30
C LYS B 503 7.73 21.43 -32.39
N ALA B 504 7.57 20.31 -31.69
CA ALA B 504 8.46 19.97 -30.57
C ALA B 504 9.57 19.00 -30.94
N GLY B 505 9.58 18.53 -32.18
CA GLY B 505 10.64 17.63 -32.64
C GLY B 505 10.73 16.35 -31.83
N ASN B 506 11.91 16.08 -31.27
CA ASN B 506 12.12 14.86 -30.50
C ASN B 506 11.53 14.91 -29.09
N TYR B 507 11.03 16.07 -28.67
CA TYR B 507 10.33 16.23 -27.40
C TYR B 507 8.83 16.08 -27.56
N ALA B 508 8.37 15.77 -28.78
CA ALA B 508 6.93 15.72 -29.06
C ALA B 508 6.22 14.73 -28.15
N TYR B 509 6.86 13.61 -27.85
CA TYR B 509 6.25 12.60 -26.98
C TYR B 509 5.74 13.17 -25.65
N LEU B 510 6.45 14.16 -25.11
CA LEU B 510 6.12 14.73 -23.80
C LEU B 510 4.80 15.44 -23.85
N PHE B 511 4.58 16.19 -24.93
CA PHE B 511 3.38 16.99 -25.11
C PHE B 511 2.21 16.14 -25.54
N GLU B 512 2.49 15.10 -26.32
CA GLU B 512 1.43 14.20 -26.75
C GLU B 512 0.79 13.50 -25.55
N THR B 513 1.63 13.04 -24.63
CA THR B 513 1.17 12.42 -23.42
C THR B 513 0.28 13.39 -22.65
N GLN B 514 0.74 14.63 -22.47
CA GLN B 514 -0.03 15.60 -21.70
C GLN B 514 -1.32 16.05 -22.39
N ALA B 515 -1.31 16.13 -23.73
CA ALA B 515 -2.52 16.53 -24.46
C ALA B 515 -3.62 15.51 -24.16
N GLN B 516 -3.28 14.24 -24.27
CA GLN B 516 -4.25 13.17 -24.01
C GLN B 516 -4.74 13.23 -22.58
N LEU B 517 -3.84 13.51 -21.64
CA LEU B 517 -4.23 13.64 -20.24
C LEU B 517 -5.29 14.73 -20.04
N ASN B 518 -5.01 15.92 -20.55
CA ASN B 518 -5.93 17.02 -20.40
C ASN B 518 -7.27 16.73 -21.07
N ALA B 519 -7.25 16.04 -22.23
CA ALA B 519 -8.50 15.62 -22.88
C ALA B 519 -9.35 14.72 -21.99
N ILE B 520 -8.73 13.76 -21.32
CA ILE B 520 -9.41 12.90 -20.35
C ILE B 520 -9.96 13.71 -19.17
N LEU B 521 -9.15 14.61 -18.63
CA LEU B 521 -9.54 15.31 -17.42
C LEU B 521 -10.73 16.24 -17.66
N SER B 522 -10.83 16.80 -18.87
CA SER B 522 -11.91 17.74 -19.15
C SER B 522 -13.28 17.11 -18.95
N SER B 523 -13.43 15.82 -19.25
CA SER B 523 -14.69 15.10 -18.97
C SER B 523 -14.69 14.39 -17.61
N LYS B 524 -13.56 13.78 -17.23
CA LYS B 524 -13.51 13.01 -15.98
C LYS B 524 -13.64 13.89 -14.73
N VAL B 525 -13.21 15.15 -14.81
CA VAL B 525 -13.28 16.06 -13.66
C VAL B 525 -14.67 16.07 -12.98
N ASP B 526 -15.75 15.91 -13.75
CA ASP B 526 -17.09 15.89 -13.16
C ASP B 526 -18.01 14.72 -13.55
N VAL B 527 -17.51 13.73 -14.26
CA VAL B 527 -18.36 12.61 -14.58
C VAL B 527 -19.00 11.97 -13.34
N GLY B 528 -18.27 11.89 -12.23
CA GLY B 528 -18.79 11.32 -10.99
C GLY B 528 -19.93 12.15 -10.43
N ARG B 529 -19.77 13.47 -10.48
CA ARG B 529 -20.77 14.40 -10.04
C ARG B 529 -22.02 14.34 -10.92
N ARG B 530 -21.86 14.31 -12.24
CA ARG B 530 -23.02 14.25 -13.18
C ARG B 530 -23.80 12.92 -13.05
N ILE B 531 -23.10 11.84 -12.76
CA ILE B 531 -23.77 10.57 -12.46
C ILE B 531 -24.61 10.77 -11.21
N ARG B 532 -24.06 11.44 -10.20
CA ARG B 532 -24.79 11.67 -8.96
C ARG B 532 -25.99 12.60 -9.17
N GLN B 533 -25.80 13.66 -9.93
CA GLN B 533 -26.90 14.59 -10.29
C GLN B 533 -28.03 13.88 -11.05
N ALA B 534 -27.68 13.11 -12.08
CA ALA B 534 -28.63 12.32 -12.84
C ALA B 534 -29.39 11.31 -12.00
N TYR B 535 -28.67 10.61 -11.13
CA TYR B 535 -29.30 9.64 -10.24
C TYR B 535 -30.34 10.31 -9.32
N GLN B 536 -29.96 11.39 -8.67
CA GLN B 536 -30.84 12.09 -7.74
C GLN B 536 -32.07 12.71 -8.46
N ALA B 537 -31.84 13.27 -9.65
CA ALA B 537 -32.91 13.85 -10.47
C ALA B 537 -33.78 12.78 -11.11
N ASP B 538 -33.37 11.52 -11.03
CA ASP B 538 -34.02 10.42 -11.76
C ASP B 538 -34.05 10.69 -13.28
N ASP B 539 -32.93 11.20 -13.80
CA ASP B 539 -32.75 11.41 -15.22
C ASP B 539 -32.14 10.13 -15.80
N LYS B 540 -33.00 9.17 -16.12
CA LYS B 540 -32.48 7.88 -16.53
C LYS B 540 -31.90 7.92 -17.94
N GLU B 541 -32.42 8.77 -18.80
CA GLU B 541 -31.84 8.93 -20.12
C GLU B 541 -30.36 9.30 -19.98
N SER B 542 -30.07 10.19 -19.05
CA SER B 542 -28.72 10.62 -18.89
C SER B 542 -27.83 9.56 -18.22
N LEU B 543 -28.37 8.78 -17.28
CA LEU B 543 -27.65 7.61 -16.75
C LEU B 543 -27.31 6.59 -17.83
N GLN B 544 -28.24 6.37 -18.76
CA GLN B 544 -27.99 5.47 -19.88
C GLN B 544 -26.85 5.97 -20.74
N GLN B 545 -26.97 7.22 -21.15
CA GLN B 545 -25.96 7.89 -21.94
C GLN B 545 -24.56 7.81 -21.31
N ILE B 546 -24.45 8.10 -20.03
CA ILE B 546 -23.17 8.07 -19.34
C ILE B 546 -22.62 6.62 -19.35
N ALA B 547 -23.48 5.67 -19.03
CA ALA B 547 -23.07 4.29 -18.92
C ALA B 547 -22.70 3.64 -20.23
N ARG B 548 -23.42 3.99 -21.29
CA ARG B 548 -23.29 3.30 -22.58
C ARG B 548 -22.48 4.06 -23.58
N GLN B 549 -22.35 5.37 -23.42
CA GLN B 549 -21.55 6.15 -24.36
C GLN B 549 -20.33 6.74 -23.67
N GLU B 550 -20.53 7.60 -22.66
CA GLU B 550 -19.43 8.37 -22.09
C GLU B 550 -18.35 7.51 -21.38
N LEU B 551 -18.75 6.55 -20.56
CA LEU B 551 -17.77 5.74 -19.82
C LEU B 551 -17.01 4.75 -20.73
N PRO B 552 -17.68 4.12 -21.71
CA PRO B 552 -16.83 3.32 -22.60
C PRO B 552 -15.82 4.16 -23.36
N GLU B 553 -16.22 5.37 -23.73
CA GLU B 553 -15.31 6.25 -24.46
C GLU B 553 -14.16 6.68 -23.54
N LEU B 554 -14.51 7.04 -22.30
CA LEU B 554 -13.51 7.35 -21.28
C LEU B 554 -12.49 6.23 -21.13
N ARG B 555 -12.93 4.98 -21.16
CA ARG B 555 -11.98 3.84 -21.11
C ARG B 555 -11.10 3.78 -22.33
N SER B 556 -11.68 4.03 -23.50
CA SER B 556 -10.90 4.07 -24.75
C SER B 556 -9.86 5.18 -24.65
N GLN B 557 -10.23 6.32 -24.07
CA GLN B 557 -9.31 7.43 -23.98
C GLN B 557 -8.17 7.14 -23.01
N ILE B 558 -8.50 6.50 -21.88
CA ILE B 558 -7.52 6.11 -20.89
C ILE B 558 -6.56 5.05 -21.45
N GLU B 559 -7.09 4.09 -22.19
CA GLU B 559 -6.24 3.12 -22.90
C GLU B 559 -5.24 3.78 -23.85
N ASP B 560 -5.68 4.83 -24.57
CA ASP B 560 -4.80 5.58 -25.45
C ASP B 560 -3.75 6.26 -24.61
N PHE B 561 -4.17 6.82 -23.47
CA PHE B 561 -3.23 7.53 -22.60
C PHE B 561 -2.18 6.56 -22.07
N HIS B 562 -2.62 5.38 -21.66
CA HIS B 562 -1.73 4.31 -21.24
C HIS B 562 -0.71 4.01 -22.35
N ALA B 563 -1.20 3.89 -23.58
CA ALA B 563 -0.31 3.66 -24.72
C ALA B 563 0.71 4.76 -24.85
N LEU B 564 0.26 6.01 -24.91
CA LEU B 564 1.21 7.14 -24.96
C LEU B 564 2.19 7.18 -23.77
N PHE B 565 1.67 6.98 -22.57
CA PHE B 565 2.47 6.93 -21.34
C PHE B 565 3.55 5.86 -21.40
N SER B 566 3.14 4.69 -21.87
CA SER B 566 4.07 3.57 -22.00
C SER B 566 5.19 3.90 -22.97
N HIS B 567 4.84 4.53 -24.09
CA HIS B 567 5.84 4.94 -25.08
C HIS B 567 6.88 5.88 -24.45
N GLN B 568 6.39 6.91 -23.77
CA GLN B 568 7.23 7.84 -23.01
C GLN B 568 8.15 7.13 -22.00
N TRP B 569 7.55 6.25 -21.21
CA TRP B 569 8.26 5.57 -20.17
C TRP B 569 9.36 4.70 -20.75
N LEU B 570 9.03 3.90 -21.77
CA LEU B 570 10.02 3.01 -22.34
C LEU B 570 11.09 3.76 -23.13
N LYS B 571 10.78 4.96 -23.60
CA LYS B 571 11.79 5.79 -24.23
C LYS B 571 12.79 6.33 -23.19
N GLU B 572 12.31 6.69 -22.01
CA GLU B 572 13.17 7.35 -21.02
C GLU B 572 13.76 6.42 -19.98
N ASN B 573 13.00 5.40 -19.60
CA ASN B 573 13.32 4.55 -18.46
C ASN B 573 13.51 3.11 -18.89
N LYS B 574 14.02 2.29 -17.98
CA LYS B 574 14.01 0.85 -18.18
C LYS B 574 12.58 0.35 -18.02
N VAL B 575 12.31 -0.87 -18.46
CA VAL B 575 10.95 -1.42 -18.41
C VAL B 575 10.44 -1.62 -16.99
N PHE B 576 11.34 -1.94 -16.07
CA PHE B 576 10.99 -2.25 -14.69
C PHE B 576 10.38 -1.00 -14.04
N GLY B 577 9.35 -1.23 -13.23
CA GLY B 577 8.55 -0.16 -12.65
C GLY B 577 7.32 0.24 -13.45
N LEU B 578 7.30 -0.01 -14.75
CA LEU B 578 6.07 0.23 -15.54
C LEU B 578 4.90 -0.65 -15.06
N ASP B 579 5.22 -1.81 -14.48
CA ASP B 579 4.20 -2.74 -13.99
C ASP B 579 3.24 -2.12 -13.00
N THR B 580 3.77 -1.28 -12.12
CA THR B 580 2.91 -0.57 -11.15
C THR B 580 1.90 0.32 -11.86
N VAL B 581 2.32 0.99 -12.92
CA VAL B 581 1.40 1.86 -13.63
C VAL B 581 0.35 1.03 -14.37
N ASP B 582 0.76 -0.08 -15.00
CA ASP B 582 -0.18 -1.02 -15.57
C ASP B 582 -1.24 -1.42 -14.53
N ILE B 583 -0.78 -1.87 -13.37
CA ILE B 583 -1.67 -2.24 -12.28
C ILE B 583 -2.65 -1.12 -11.94
N ARG B 584 -2.13 0.10 -11.75
CA ARG B 584 -2.97 1.22 -11.34
C ARG B 584 -4.03 1.59 -12.40
N MET B 585 -3.58 1.71 -13.64
CA MET B 585 -4.46 2.10 -14.73
C MET B 585 -5.43 0.97 -15.07
N GLY B 586 -4.95 -0.27 -14.93
CA GLY B 586 -5.79 -1.46 -15.12
C GLY B 586 -6.96 -1.44 -14.14
N GLY B 587 -6.64 -1.13 -12.89
CA GLY B 587 -7.65 -1.02 -11.83
C GLY B 587 -8.63 0.13 -12.07
N LEU B 588 -8.14 1.29 -12.52
CA LEU B 588 -9.03 2.42 -12.86
C LEU B 588 -10.02 2.02 -13.93
N LEU B 589 -9.53 1.39 -14.98
CA LEU B 589 -10.37 0.91 -16.07
C LEU B 589 -11.47 -0.04 -15.58
N GLN B 590 -11.07 -0.97 -14.73
CA GLN B 590 -11.97 -1.93 -14.17
C GLN B 590 -13.01 -1.26 -13.28
N ARG B 591 -12.62 -0.21 -12.54
CA ARG B 591 -13.60 0.57 -11.77
C ARG B 591 -14.58 1.36 -12.66
N ILE B 592 -14.13 1.81 -13.83
CA ILE B 592 -15.06 2.49 -14.74
C ILE B 592 -16.10 1.47 -15.26
N LYS B 593 -15.67 0.26 -15.58
CA LYS B 593 -16.58 -0.83 -15.94
C LYS B 593 -17.58 -1.13 -14.82
N ARG B 594 -17.13 -1.08 -13.57
CA ARG B 594 -18.05 -1.22 -12.46
C ARG B 594 -19.07 -0.10 -12.44
N ALA B 595 -18.66 1.12 -12.72
CA ALA B 595 -19.60 2.25 -12.84
C ALA B 595 -20.68 1.96 -13.87
N GLU B 596 -20.24 1.45 -15.02
CA GLU B 596 -21.13 1.06 -16.12
C GLU B 596 -22.06 -0.08 -15.69
N SER B 597 -21.51 -1.16 -15.11
CA SER B 597 -22.33 -2.32 -14.76
C SER B 597 -23.32 -2.04 -13.61
N ARG B 598 -22.91 -1.27 -12.59
CA ARG B 598 -23.81 -0.91 -11.48
C ARG B 598 -25.00 -0.05 -11.97
N ILE B 599 -24.72 0.90 -12.86
CA ILE B 599 -25.77 1.70 -13.45
C ILE B 599 -26.74 0.83 -14.28
N GLU B 600 -26.21 -0.10 -15.07
CA GLU B 600 -27.06 -1.00 -15.88
C GLU B 600 -27.98 -1.83 -14.99
N VAL B 601 -27.44 -2.44 -13.93
CA VAL B 601 -28.26 -3.19 -12.98
C VAL B 601 -29.38 -2.29 -12.41
N TYR B 602 -29.03 -1.07 -12.02
CA TYR B 602 -30.03 -0.10 -11.56
C TYR B 602 -31.08 0.19 -12.64
N LEU B 603 -30.65 0.46 -13.87
CA LEU B 603 -31.55 0.76 -15.00
C LEU B 603 -32.45 -0.43 -15.35
N ALA B 604 -31.93 -1.65 -15.19
CA ALA B 604 -32.72 -2.85 -15.42
C ALA B 604 -33.73 -3.09 -14.31
N GLY B 605 -33.74 -2.26 -13.25
CA GLY B 605 -34.69 -2.46 -12.13
C GLY B 605 -34.26 -3.49 -11.09
N GLN B 606 -33.03 -3.99 -11.18
CA GLN B 606 -32.57 -5.03 -10.28
C GLN B 606 -31.87 -4.48 -9.03
N LEU B 607 -31.98 -3.16 -8.79
CA LEU B 607 -31.62 -2.54 -7.50
C LEU B 607 -32.58 -1.40 -7.26
N ASP B 608 -32.95 -1.16 -6.00
CA ASP B 608 -33.79 0.01 -5.70
C ASP B 608 -32.90 1.26 -5.51
N ARG B 609 -31.61 1.03 -5.24
CA ARG B 609 -30.67 2.11 -5.00
C ARG B 609 -29.27 1.71 -5.41
N ILE B 610 -28.46 2.71 -5.72
CA ILE B 610 -27.05 2.49 -5.91
C ILE B 610 -26.39 3.08 -4.67
N ASP B 611 -26.01 2.21 -3.73
CA ASP B 611 -25.60 2.64 -2.38
C ASP B 611 -24.41 3.57 -2.41
N GLU B 612 -23.49 3.32 -3.34
CA GLU B 612 -22.31 4.18 -3.52
C GLU B 612 -22.70 5.64 -3.67
N LEU B 613 -23.78 5.87 -4.41
CA LEU B 613 -24.25 7.22 -4.70
C LEU B 613 -25.07 7.83 -3.55
N GLU B 614 -25.40 7.05 -2.53
CA GLU B 614 -26.13 7.57 -1.38
C GLU B 614 -25.19 8.17 -0.34
N VAL B 615 -23.88 8.04 -0.53
CA VAL B 615 -22.90 8.59 0.39
C VAL B 615 -22.57 10.05 0.03
N GLU B 616 -22.72 10.95 0.99
CA GLU B 616 -22.37 12.35 0.82
C GLU B 616 -20.87 12.49 0.82
N ILE B 617 -20.35 13.30 -0.10
CA ILE B 617 -18.94 13.46 -0.27
C ILE B 617 -18.41 14.55 0.66
N LEU B 618 -17.35 14.23 1.38
CA LEU B 618 -16.69 15.14 2.29
C LEU B 618 -15.43 15.73 1.61
N PRO B 619 -14.86 16.80 2.17
CA PRO B 619 -13.51 17.18 1.71
C PRO B 619 -12.56 15.98 1.86
N PHE B 620 -11.71 15.76 0.88
CA PHE B 620 -10.64 14.76 0.96
C PHE B 620 -9.59 15.10 2.00
N THR B 621 -9.15 16.36 2.00
CA THR B 621 -8.26 16.86 3.03
C THR B 621 -8.56 18.33 3.30
N ASP B 622 -8.17 18.81 4.48
CA ASP B 622 -8.28 20.24 4.82
C ASP B 622 -6.98 21.03 4.65
N PHE B 623 -6.00 20.46 3.96
CA PHE B 623 -4.68 21.07 3.86
C PHE B 623 -4.78 22.52 3.34
N TYR B 624 -5.59 22.72 2.30
CA TYR B 624 -5.84 24.06 1.74
C TYR B 624 -7.29 24.50 1.88
N ALA B 625 -7.94 24.05 2.94
CA ALA B 625 -9.35 24.39 3.19
C ALA B 625 -9.56 25.85 3.51
N ASP B 626 -8.54 26.52 4.05
CA ASP B 626 -8.64 27.97 4.32
C ASP B 626 -8.65 28.87 3.03
N LYS B 627 -8.26 28.34 1.89
CA LYS B 627 -8.05 29.16 0.69
C LYS B 627 -9.33 29.33 -0.11
N ASP B 628 -9.29 30.24 -1.07
CA ASP B 628 -10.47 30.53 -1.89
C ASP B 628 -10.76 29.46 -2.92
N PHE B 629 -9.74 28.81 -3.44
CA PHE B 629 -9.93 27.76 -4.45
C PHE B 629 -10.37 26.43 -3.85
N ALA B 630 -10.87 25.53 -4.68
CA ALA B 630 -11.32 24.22 -4.22
C ALA B 630 -10.22 23.16 -4.35
N ALA B 631 -9.23 23.37 -5.23
CA ALA B 631 -8.22 22.33 -5.48
C ALA B 631 -7.37 22.05 -4.26
N THR B 632 -6.64 20.93 -4.30
CA THR B 632 -5.84 20.50 -3.16
C THR B 632 -4.60 19.76 -3.56
N THR B 633 -3.96 19.11 -2.58
CA THR B 633 -2.81 18.26 -2.81
C THR B 633 -3.17 16.84 -2.38
N ALA B 634 -2.93 15.88 -3.28
CA ALA B 634 -3.23 14.50 -2.98
C ALA B 634 -2.33 13.66 -3.87
N ASN B 635 -1.33 13.06 -3.25
CA ASN B 635 -0.24 12.48 -4.00
C ASN B 635 0.12 11.06 -3.59
N GLN B 636 -0.89 10.33 -3.10
CA GLN B 636 -0.76 8.88 -2.89
C GLN B 636 -1.84 8.16 -3.69
N TRP B 637 -1.41 7.42 -4.71
CA TRP B 637 -2.32 6.67 -5.62
C TRP B 637 -3.32 5.91 -4.80
N HIS B 638 -2.81 5.14 -3.83
CA HIS B 638 -3.67 4.20 -3.06
C HIS B 638 -4.78 4.90 -2.25
N THR B 639 -4.58 6.16 -1.87
CA THR B 639 -5.66 6.92 -1.19
C THR B 639 -6.50 7.75 -2.15
N ILE B 640 -5.94 8.05 -3.32
CA ILE B 640 -6.73 8.69 -4.37
C ILE B 640 -7.78 7.73 -4.89
N ALA B 641 -7.36 6.48 -5.09
CA ALA B 641 -8.16 5.53 -5.85
C ALA B 641 -9.30 4.88 -5.05
N THR B 642 -9.18 4.81 -3.72
CA THR B 642 -10.20 4.12 -2.88
C THR B 642 -10.16 4.53 -1.42
N ALA B 643 -11.32 4.46 -0.75
CA ALA B 643 -11.43 4.69 0.69
C ALA B 643 -11.34 3.38 1.48
N SER B 644 -11.34 2.28 0.75
CA SER B 644 -11.17 0.97 1.35
C SER B 644 -9.72 0.69 1.68
N THR B 645 -9.46 -0.41 2.38
CA THR B 645 -8.09 -0.79 2.64
C THR B 645 -7.58 -1.43 1.36
N ILE B 646 -6.27 -1.31 1.12
CA ILE B 646 -5.70 -1.95 -0.06
C ILE B 646 -4.27 -2.49 0.11
N TYR B 647 -3.46 -1.84 0.94
CA TYR B 647 -2.13 -2.38 1.28
C TYR B 647 -2.08 -2.89 2.71
N THR B 648 -2.99 -2.45 3.57
CA THR B 648 -2.98 -2.89 4.96
C THR B 648 -3.55 -4.28 5.11
N THR B 649 -3.25 -4.88 6.26
CA THR B 649 -3.72 -6.24 6.65
C THR B 649 -5.01 -6.12 7.45
#